data_9KY4
#
_entry.id   9KY4
#
_cell.length_a   1.00
_cell.length_b   1.00
_cell.length_c   1.00
_cell.angle_alpha   90.00
_cell.angle_beta   90.00
_cell.angle_gamma   90.00
#
_symmetry.space_group_name_H-M   'P 1'
#
loop_
_entity.id
_entity.type
_entity.pdbx_description
1 polymer 'TALE repeat protein'
2 polymer 'TALE repeat protein recognized single-strand DNA sequence and mitochondrial ND5.1 gene sequence.'
3 polymer 'A complementary strand of TALE repeat protein recognized single-strand DNA sequence and mitochondrial ND5.1 gene sequence.'
4 polymer 'Double-stranded DNA deaminase toxin A'
5 non-polymer 'ZINC ION'
#
loop_
_entity_poly.entity_id
_entity_poly.type
_entity_poly.pdbx_seq_one_letter_code
_entity_poly.pdbx_strand_id
1 'polypeptide(L)'
;MGSSDIADLRTLGYSQQQQEKIKPKVRSTVAQHHEALVGHGFTHAHIVALSQHPAALGTVAVKYQDMIAALPEATHEAIV
GVGKQWSGARALEALLTVAGELRGPPLQLDTGQLLKIAKRGGVTAVEAVHAWRNALTGAPLNLTPEQVVAIASHDGGKQA
LETVQRLLPVLCQAHGLTPEQVVAIASNGGGKQALETVQRLLPVLCQAHGLTPEQVVAIASNIGGKQALETVQRLLPVLC
QAHGLTPEQVVAIASNNGGKQALETVQRLLPVLCQAHGLTPEQVVAIASHDGGKQALETVQRLLPVLCQAHGLTPEQVVA
IASHDGGKQALETVQRLLPVLCQAHGLTPEQVVAIASNGGGKQALETVQRLLPVLCQAHGLTPEQVVAIASNIGGKQALE
TVQRLLPVLCQAHGLTPEQVVAIASNNGGKQALETVQRLLPVLCQAHGLTPEQVVAIASHDGGKQALETVQRLLPVLCQA
HGLTPEQVVAIASHDGGKQALETVQRLLPVLCQAHGLTPEQVVAIASNNGGKQALETVQRLLPVLCQAHGLTPEQVVAIA
SNGGGKQALETVQRLLPVLCQAHGLTPEQVVAIASNGGGKQALETVQRLLPVLCQAHGLTPEQVVAIASNGGGKQALESI
VAQLSRPDPALAALTNDHLVALACLGGRPALDAVKKGLG
;
A
2 'polydeoxyribonucleotide'
;(DG)(DA)(DA)(DT)(DC)(DT)(DA)(DG)(DC)(DC)(DT)(DA)(DG)(DC)(DC)(DG)(DT)(DT)(DT)(DA)
(DC)(DC)(DT)(DT)(DT)(DC)(DC)(DT)(DC)(DA)(DC)(DA)(DG)(DG)(DT)
;
B
3 'polydeoxyribonucleotide'
;(DA)(DC)(DC)(DT)(DG)(DT)(DG)(DA)(DG)(DG)(DA)(DA)(DA)(DG)(DG)(DT)(DA)(DA)(DA)(DC)
(DG)(DG)(DC)(DT)(DA)(DG)(DG)(DC)(DT)(DA)(DG)(DA)(DT)(DT)(DC)
;
C
4 'polypeptide(L)'
;GSYALGPYQISAPQLPAYNGQTVGTFYYVNDAGGLESKVFISGGPTPYPNYVSAGHVAGQSALFMRDNGISEGLVFHNNP
KGTCGFCVNMIETLLPENAKMTVVPPEGAIPVKRGATGETKVFIGNSNSPKSPT
;
D
#
loop_
_chem_comp.id
_chem_comp.type
_chem_comp.name
_chem_comp.formula
DA DNA linking 2'-DEOXYADENOSINE-5'-MONOPHOSPHATE 'C10 H14 N5 O6 P'
DC DNA linking 2'-DEOXYCYTIDINE-5'-MONOPHOSPHATE 'C9 H14 N3 O7 P'
DG DNA linking 2'-DEOXYGUANOSINE-5'-MONOPHOSPHATE 'C10 H14 N5 O7 P'
DT DNA linking THYMIDINE-5'-MONOPHOSPHATE 'C10 H15 N2 O8 P'
ZN non-polymer 'ZINC ION' 'Zn 2'
#
# COMPACT_ATOMS: atom_id res chain seq x y z
N ASP A 8 -43.95 27.52 18.36
CA ASP A 8 -44.79 26.62 19.14
C ASP A 8 -44.00 25.45 19.68
N LEU A 9 -42.99 25.02 18.91
CA LEU A 9 -42.15 23.90 19.32
C LEU A 9 -41.05 24.33 20.30
N ARG A 10 -40.88 25.63 20.54
CA ARG A 10 -39.88 26.08 21.48
C ARG A 10 -40.21 25.68 22.92
N THR A 11 -41.50 25.66 23.26
CA THR A 11 -41.89 25.28 24.61
C THR A 11 -41.50 23.84 24.92
N LEU A 12 -41.65 22.95 23.94
CA LEU A 12 -41.30 21.54 24.15
C LEU A 12 -39.80 21.34 24.35
N GLY A 13 -38.98 22.27 23.88
CA GLY A 13 -37.54 22.19 24.12
C GLY A 13 -36.70 21.87 22.91
N TYR A 14 -37.08 22.41 21.75
CA TYR A 14 -36.33 22.25 20.52
C TYR A 14 -35.52 23.51 20.22
N SER A 15 -34.31 23.34 19.72
CA SER A 15 -33.46 24.46 19.37
C SER A 15 -33.96 25.12 18.09
N GLN A 16 -33.38 26.29 17.78
CA GLN A 16 -33.79 27.03 16.59
C GLN A 16 -33.46 26.25 15.31
N GLN A 17 -32.27 25.65 15.25
CA GLN A 17 -31.90 24.89 14.06
C GLN A 17 -32.81 23.68 13.87
N GLN A 18 -33.11 22.96 14.95
CA GLN A 18 -34.00 21.81 14.87
C GLN A 18 -35.39 22.22 14.42
N GLN A 19 -35.88 23.36 14.92
CA GLN A 19 -37.18 23.85 14.48
C GLN A 19 -37.16 24.23 13.00
N GLU A 20 -36.06 24.84 12.54
CA GLU A 20 -35.94 25.20 11.14
C GLU A 20 -35.87 23.98 10.23
N LYS A 21 -35.26 22.88 10.70
CA LYS A 21 -35.15 21.69 9.89
C LYS A 21 -36.51 21.07 9.58
N ILE A 22 -37.41 21.08 10.57
CA ILE A 22 -38.70 20.41 10.40
C ILE A 22 -39.55 21.17 9.39
N LYS A 23 -40.24 20.43 8.53
CA LYS A 23 -41.09 21.03 7.52
C LYS A 23 -42.27 21.76 8.16
N PRO A 24 -42.74 22.83 7.54
CA PRO A 24 -43.80 23.64 8.18
C PRO A 24 -45.09 22.90 8.44
N LYS A 25 -45.46 21.94 7.59
CA LYS A 25 -46.76 21.30 7.68
C LYS A 25 -46.75 20.04 8.54
N VAL A 26 -45.64 19.70 9.18
CA VAL A 26 -45.54 18.51 10.00
C VAL A 26 -45.14 18.81 11.44
N ARG A 27 -45.09 20.10 11.81
CA ARG A 27 -44.76 20.45 13.19
C ARG A 27 -45.91 20.12 14.14
N SER A 28 -47.14 20.20 13.65
CA SER A 28 -48.29 19.84 14.49
C SER A 28 -48.25 18.37 14.89
N THR A 29 -47.80 17.50 13.98
CA THR A 29 -47.73 16.07 14.30
C THR A 29 -46.68 15.81 15.39
N VAL A 30 -45.57 16.56 15.37
CA VAL A 30 -44.57 16.44 16.43
C VAL A 30 -45.15 16.95 17.75
N ALA A 31 -45.80 18.12 17.70
CA ALA A 31 -46.45 18.63 18.90
C ALA A 31 -47.49 17.65 19.45
N GLN A 32 -48.05 16.81 18.58
CA GLN A 32 -49.02 15.81 19.01
C GLN A 32 -48.32 14.62 19.65
N HIS A 33 -47.52 13.88 18.88
CA HIS A 33 -46.83 12.70 19.39
C HIS A 33 -45.40 13.02 19.85
N HIS A 34 -45.21 14.06 20.64
CA HIS A 34 -43.92 14.26 21.30
C HIS A 34 -43.84 13.57 22.65
N GLU A 35 -44.89 13.68 23.47
CA GLU A 35 -44.83 13.15 24.83
C GLU A 35 -44.69 11.63 24.83
N ALA A 36 -45.44 10.94 23.97
CA ALA A 36 -45.35 9.48 23.91
C ALA A 36 -43.95 9.04 23.47
N LEU A 37 -43.39 9.71 22.47
CA LEU A 37 -42.06 9.36 21.99
C LEU A 37 -41.01 9.60 23.07
N VAL A 38 -41.12 10.71 23.80
CA VAL A 38 -40.18 10.98 24.87
C VAL A 38 -40.32 9.94 25.99
N GLY A 39 -41.56 9.53 26.27
CA GLY A 39 -41.76 8.49 27.26
C GLY A 39 -41.16 7.16 26.86
N HIS A 40 -41.24 6.83 25.56
CA HIS A 40 -40.67 5.58 25.09
C HIS A 40 -39.14 5.59 25.11
N GLY A 41 -38.52 6.76 25.18
CA GLY A 41 -37.08 6.84 25.31
C GLY A 41 -36.35 7.35 24.09
N PHE A 42 -37.00 8.20 23.31
CA PHE A 42 -36.41 8.78 22.11
C PHE A 42 -35.89 10.19 22.40
N THR A 43 -34.81 10.55 21.73
CA THR A 43 -34.22 11.88 21.88
C THR A 43 -34.83 12.85 20.89
N HIS A 44 -34.51 14.14 21.07
CA HIS A 44 -35.01 15.16 20.18
C HIS A 44 -34.44 15.01 18.77
N ALA A 45 -33.15 14.68 18.67
CA ALA A 45 -32.55 14.46 17.36
C ALA A 45 -33.19 13.28 16.64
N HIS A 46 -33.52 12.23 17.39
CA HIS A 46 -34.21 11.09 16.79
C HIS A 46 -35.58 11.49 16.25
N ILE A 47 -36.30 12.31 16.99
CA ILE A 47 -37.61 12.77 16.53
C ILE A 47 -37.48 13.62 15.28
N VAL A 48 -36.47 14.51 15.25
CA VAL A 48 -36.26 15.35 14.07
C VAL A 48 -35.91 14.50 12.86
N ALA A 49 -35.05 13.49 13.04
CA ALA A 49 -34.69 12.61 11.94
C ALA A 49 -35.88 11.79 11.46
N LEU A 50 -36.73 11.33 12.38
CA LEU A 50 -37.90 10.55 12.02
C LEU A 50 -39.04 11.47 11.61
N SER A 51 -38.77 12.37 10.66
CA SER A 51 -39.79 13.28 10.16
C SER A 51 -39.80 13.36 8.63
N GLN A 52 -38.87 12.68 7.96
CA GLN A 52 -38.97 12.54 6.51
C GLN A 52 -40.22 11.76 6.13
N HIS A 53 -40.70 10.91 7.02
CA HIS A 53 -41.97 10.19 6.84
C HIS A 53 -42.91 10.59 7.97
N PRO A 54 -43.83 11.52 7.74
CA PRO A 54 -44.73 11.96 8.82
C PRO A 54 -45.61 10.85 9.37
N ALA A 55 -46.02 9.88 8.55
CA ALA A 55 -46.90 8.83 9.02
C ALA A 55 -46.20 7.85 9.96
N ALA A 56 -44.87 7.86 10.03
CA ALA A 56 -44.15 6.95 10.90
C ALA A 56 -44.24 7.32 12.37
N LEU A 57 -44.48 8.61 12.68
CA LEU A 57 -44.52 9.04 14.07
C LEU A 57 -45.65 8.35 14.83
N GLY A 58 -46.85 8.33 14.26
CA GLY A 58 -47.96 7.68 14.92
C GLY A 58 -47.78 6.17 15.02
N THR A 59 -47.23 5.56 13.97
CA THR A 59 -47.00 4.12 13.99
C THR A 59 -46.02 3.73 15.08
N VAL A 60 -44.93 4.49 15.23
CA VAL A 60 -43.96 4.18 16.28
C VAL A 60 -44.54 4.47 17.66
N ALA A 61 -45.26 5.58 17.80
CA ALA A 61 -45.80 5.94 19.11
C ALA A 61 -46.83 4.92 19.59
N VAL A 62 -47.71 4.47 18.70
CA VAL A 62 -48.77 3.56 19.12
C VAL A 62 -48.25 2.15 19.28
N LYS A 63 -47.49 1.66 18.30
CA LYS A 63 -47.01 0.28 18.27
C LYS A 63 -45.50 0.28 18.49
N TYR A 64 -45.08 0.12 19.73
CA TYR A 64 -43.67 0.01 20.04
C TYR A 64 -43.33 -1.23 20.85
N GLN A 65 -44.20 -1.62 21.80
CA GLN A 65 -43.94 -2.83 22.57
C GLN A 65 -43.94 -4.06 21.68
N ASP A 66 -44.84 -4.11 20.70
CA ASP A 66 -44.84 -5.22 19.75
C ASP A 66 -43.55 -5.25 18.94
N MET A 67 -43.02 -4.07 18.59
CA MET A 67 -41.77 -4.01 17.84
C MET A 67 -40.61 -4.60 18.63
N ILE A 68 -40.53 -4.27 19.92
CA ILE A 68 -39.45 -4.81 20.76
C ILE A 68 -39.66 -6.30 21.00
N ALA A 69 -40.90 -6.73 21.20
CA ALA A 69 -41.17 -8.14 21.42
C ALA A 69 -40.80 -8.96 20.18
N ALA A 70 -41.10 -8.46 18.99
CA ALA A 70 -40.74 -9.17 17.77
C ALA A 70 -39.27 -9.03 17.44
N LEU A 71 -38.65 -7.90 17.81
CA LEU A 71 -37.23 -7.63 17.54
C LEU A 71 -36.55 -7.26 18.85
N PRO A 72 -36.19 -8.27 19.66
CA PRO A 72 -35.63 -7.96 20.99
C PRO A 72 -34.36 -7.14 20.97
N GLU A 73 -33.49 -7.34 19.98
CA GLU A 73 -32.20 -6.68 19.94
C GLU A 73 -32.23 -5.32 19.25
N ALA A 74 -33.39 -4.87 18.79
CA ALA A 74 -33.47 -3.60 18.07
C ALA A 74 -33.29 -2.43 19.03
N THR A 75 -32.54 -1.43 18.59
CA THR A 75 -32.30 -0.21 19.33
C THR A 75 -33.08 0.94 18.69
N HIS A 76 -32.97 2.12 19.29
CA HIS A 76 -33.69 3.29 18.78
C HIS A 76 -33.17 3.72 17.42
N GLU A 77 -31.84 3.68 17.24
CA GLU A 77 -31.25 4.13 15.98
C GLU A 77 -31.70 3.27 14.81
N ALA A 78 -31.76 1.95 14.99
CA ALA A 78 -32.20 1.07 13.92
C ALA A 78 -33.65 1.32 13.55
N ILE A 79 -34.52 1.50 14.55
CA ILE A 79 -35.92 1.77 14.28
C ILE A 79 -36.07 3.09 13.53
N VAL A 80 -35.33 4.11 13.95
CA VAL A 80 -35.38 5.41 13.28
C VAL A 80 -34.91 5.28 11.84
N GLY A 81 -33.82 4.55 11.62
CA GLY A 81 -33.30 4.38 10.28
C GLY A 81 -34.27 3.65 9.36
N VAL A 82 -34.95 2.62 9.88
CA VAL A 82 -35.90 1.88 9.08
C VAL A 82 -37.14 2.73 8.78
N GLY A 83 -37.60 3.48 9.76
CA GLY A 83 -38.87 4.17 9.64
C GLY A 83 -38.84 5.59 9.12
N LYS A 84 -37.74 5.98 8.46
CA LYS A 84 -37.63 7.33 7.91
C LYS A 84 -37.55 7.34 6.39
N GLN A 85 -37.65 6.19 5.73
CA GLN A 85 -37.54 6.12 4.28
C GLN A 85 -38.91 6.32 3.64
N TRP A 86 -39.01 6.04 2.34
CA TRP A 86 -40.25 6.26 1.61
C TRP A 86 -41.36 5.29 1.98
N SER A 87 -41.05 4.20 2.68
CA SER A 87 -42.04 3.21 3.11
C SER A 87 -41.79 2.80 4.55
N GLY A 88 -41.62 3.80 5.42
CA GLY A 88 -41.24 3.51 6.79
C GLY A 88 -42.31 2.79 7.59
N ALA A 89 -43.56 3.26 7.48
CA ALA A 89 -44.63 2.71 8.30
C ALA A 89 -45.01 1.31 7.85
N ARG A 90 -45.19 1.12 6.54
CA ARG A 90 -45.63 -0.17 6.03
C ARG A 90 -44.56 -1.25 6.18
N ALA A 91 -43.29 -0.88 6.08
CA ALA A 91 -42.23 -1.85 6.31
C ALA A 91 -42.25 -2.38 7.73
N LEU A 92 -42.45 -1.49 8.70
CA LEU A 92 -42.55 -1.93 10.09
C LEU A 92 -43.80 -2.73 10.34
N GLU A 93 -44.92 -2.33 9.74
CA GLU A 93 -46.16 -3.09 9.93
C GLU A 93 -46.12 -4.44 9.24
N ALA A 94 -45.25 -4.63 8.25
CA ALA A 94 -45.05 -5.96 7.68
C ALA A 94 -44.03 -6.77 8.47
N LEU A 95 -43.06 -6.09 9.10
CA LEU A 95 -42.14 -6.76 10.00
C LEU A 95 -42.83 -7.27 11.24
N LEU A 96 -43.94 -6.64 11.64
CA LEU A 96 -44.70 -7.14 12.78
C LEU A 96 -45.56 -8.35 12.44
N THR A 97 -45.66 -8.74 11.17
CA THR A 97 -46.45 -9.90 10.78
C THR A 97 -45.66 -11.02 10.11
N VAL A 98 -44.50 -10.75 9.52
CA VAL A 98 -43.74 -11.78 8.81
C VAL A 98 -42.51 -12.25 9.57
N ALA A 99 -42.13 -11.58 10.66
CA ALA A 99 -40.88 -11.91 11.33
C ALA A 99 -40.91 -13.33 11.90
N GLY A 100 -42.04 -13.73 12.48
CA GLY A 100 -42.12 -15.05 13.07
C GLY A 100 -41.93 -16.17 12.06
N GLU A 101 -42.56 -16.04 10.89
CA GLU A 101 -42.41 -17.07 9.87
C GLU A 101 -41.05 -17.00 9.19
N LEU A 102 -40.44 -15.82 9.13
CA LEU A 102 -39.13 -15.70 8.50
C LEU A 102 -37.99 -16.22 9.36
N ARG A 103 -38.21 -16.46 10.65
CA ARG A 103 -37.15 -16.92 11.53
C ARG A 103 -36.97 -18.43 11.52
N GLY A 104 -37.91 -19.18 10.96
CA GLY A 104 -37.79 -20.61 10.88
C GLY A 104 -37.13 -21.05 9.59
N PRO A 105 -37.41 -22.27 9.15
CA PRO A 105 -36.87 -22.74 7.87
C PRO A 105 -37.62 -22.10 6.71
N PRO A 106 -37.00 -22.02 5.52
CA PRO A 106 -35.64 -22.47 5.16
C PRO A 106 -34.57 -21.42 5.44
N LEU A 107 -34.95 -20.17 5.70
CA LEU A 107 -33.99 -19.10 5.95
C LEU A 107 -34.00 -18.76 7.43
N GLN A 108 -32.94 -19.12 8.14
CA GLN A 108 -32.79 -18.77 9.55
C GLN A 108 -32.27 -17.35 9.63
N LEU A 109 -33.17 -16.39 9.78
CA LEU A 109 -32.85 -14.98 9.74
C LEU A 109 -32.82 -14.40 11.14
N ASP A 110 -31.82 -13.57 11.41
CA ASP A 110 -31.70 -12.88 12.68
C ASP A 110 -32.26 -11.46 12.56
N THR A 111 -32.20 -10.72 13.68
CA THR A 111 -32.80 -9.39 13.72
C THR A 111 -32.07 -8.42 12.79
N GLY A 112 -30.74 -8.49 12.76
CA GLY A 112 -29.99 -7.56 11.92
C GLY A 112 -30.30 -7.71 10.44
N GLN A 113 -30.39 -8.96 9.97
CA GLN A 113 -30.71 -9.19 8.56
C GLN A 113 -32.11 -8.68 8.22
N LEU A 114 -33.08 -8.91 9.12
CA LEU A 114 -34.44 -8.42 8.89
C LEU A 114 -34.47 -6.90 8.82
N LEU A 115 -33.79 -6.24 9.77
CA LEU A 115 -33.77 -4.78 9.77
C LEU A 115 -33.09 -4.24 8.51
N LYS A 116 -31.97 -4.84 8.11
CA LYS A 116 -31.27 -4.39 6.92
C LYS A 116 -32.13 -4.55 5.67
N ILE A 117 -32.74 -5.72 5.51
CA ILE A 117 -33.54 -5.97 4.31
C ILE A 117 -34.74 -5.03 4.28
N ALA A 118 -35.37 -4.80 5.44
CA ALA A 118 -36.50 -3.87 5.47
C ALA A 118 -36.07 -2.47 5.08
N LYS A 119 -35.04 -1.95 5.76
CA LYS A 119 -34.61 -0.57 5.54
C LYS A 119 -34.17 -0.35 4.10
N ARG A 120 -33.50 -1.34 3.49
CA ARG A 120 -32.95 -1.14 2.16
C ARG A 120 -33.91 -1.55 1.03
N GLY A 121 -34.96 -2.32 1.31
CA GLY A 121 -35.83 -2.74 0.24
C GLY A 121 -37.27 -2.28 0.31
N GLY A 122 -37.83 -2.14 1.50
CA GLY A 122 -39.21 -1.72 1.63
C GLY A 122 -40.17 -2.89 1.83
N VAL A 123 -41.45 -2.51 1.92
CA VAL A 123 -42.50 -3.48 2.13
C VAL A 123 -42.55 -4.48 0.97
N THR A 124 -42.36 -3.98 -0.25
CA THR A 124 -42.41 -4.86 -1.42
C THR A 124 -41.35 -5.95 -1.33
N ALA A 125 -40.12 -5.56 -0.97
CA ALA A 125 -39.06 -6.55 -0.81
C ALA A 125 -39.37 -7.52 0.33
N VAL A 126 -39.92 -7.01 1.43
CA VAL A 126 -40.22 -7.87 2.57
C VAL A 126 -41.22 -8.96 2.18
N GLU A 127 -42.33 -8.56 1.55
CA GLU A 127 -43.33 -9.55 1.15
C GLU A 127 -42.82 -10.46 0.05
N ALA A 128 -42.00 -9.94 -0.87
CA ALA A 128 -41.44 -10.78 -1.92
C ALA A 128 -40.56 -11.88 -1.35
N VAL A 129 -39.71 -11.53 -0.37
CA VAL A 129 -38.87 -12.54 0.26
C VAL A 129 -39.73 -13.52 1.06
N HIS A 130 -40.78 -13.01 1.71
CA HIS A 130 -41.64 -13.89 2.51
C HIS A 130 -42.35 -14.91 1.62
N ALA A 131 -42.74 -14.51 0.41
CA ALA A 131 -43.55 -15.38 -0.42
C ALA A 131 -42.74 -16.50 -1.08
N TRP A 132 -41.68 -16.14 -1.81
CA TRP A 132 -40.98 -17.08 -2.68
C TRP A 132 -39.79 -17.74 -2.00
N ARG A 133 -39.79 -17.88 -0.67
CA ARG A 133 -38.64 -18.48 0.00
C ARG A 133 -38.43 -19.93 -0.42
N ASN A 134 -39.52 -20.69 -0.51
CA ASN A 134 -39.41 -22.10 -0.89
C ASN A 134 -38.84 -22.25 -2.30
N ALA A 135 -39.31 -21.44 -3.25
CA ALA A 135 -38.80 -21.53 -4.60
C ALA A 135 -37.37 -21.02 -4.69
N LEU A 136 -37.03 -19.99 -3.91
CA LEU A 136 -35.68 -19.43 -3.95
C LEU A 136 -34.66 -20.43 -3.42
N THR A 137 -34.95 -21.06 -2.28
CA THR A 137 -34.04 -22.03 -1.67
C THR A 137 -34.45 -23.42 -2.13
N GLY A 138 -33.94 -23.82 -3.29
CA GLY A 138 -34.27 -25.12 -3.85
C GLY A 138 -33.91 -25.16 -5.31
N ALA A 139 -34.09 -26.36 -5.88
CA ALA A 139 -33.76 -26.57 -7.29
C ALA A 139 -34.74 -25.83 -8.19
N PRO A 140 -34.28 -25.36 -9.37
CA PRO A 140 -32.92 -25.44 -9.92
C PRO A 140 -32.03 -24.28 -9.49
N LEU A 141 -32.44 -23.49 -8.49
CA LEU A 141 -31.69 -22.30 -8.10
C LEU A 141 -30.59 -22.64 -7.09
N ASN A 142 -30.96 -23.22 -5.94
CA ASN A 142 -30.02 -23.59 -4.88
C ASN A 142 -29.24 -22.37 -4.39
N LEU A 143 -29.96 -21.41 -3.83
CA LEU A 143 -29.38 -20.17 -3.34
C LEU A 143 -29.33 -20.18 -1.81
N THR A 144 -28.17 -19.87 -1.25
CA THR A 144 -28.04 -19.76 0.19
C THR A 144 -28.77 -18.52 0.69
N PRO A 145 -29.19 -18.53 1.96
CA PRO A 145 -29.92 -17.36 2.49
C PRO A 145 -29.13 -16.06 2.42
N GLU A 146 -27.80 -16.12 2.57
CA GLU A 146 -26.99 -14.91 2.49
C GLU A 146 -27.09 -14.26 1.13
N GLN A 147 -27.10 -15.07 0.06
CA GLN A 147 -27.25 -14.52 -1.29
C GLN A 147 -28.63 -13.88 -1.47
N VAL A 148 -29.67 -14.49 -0.91
CA VAL A 148 -31.00 -13.91 -0.99
C VAL A 148 -31.04 -12.56 -0.28
N VAL A 149 -30.44 -12.48 0.90
CA VAL A 149 -30.41 -11.22 1.64
C VAL A 149 -29.63 -10.17 0.86
N ALA A 150 -28.50 -10.57 0.26
CA ALA A 150 -27.70 -9.62 -0.52
C ALA A 150 -28.46 -9.10 -1.73
N ILE A 151 -29.20 -9.98 -2.42
CA ILE A 151 -29.94 -9.55 -3.59
C ILE A 151 -31.10 -8.64 -3.19
N ALA A 152 -31.81 -8.98 -2.11
CA ALA A 152 -33.02 -8.26 -1.74
C ALA A 152 -32.77 -7.10 -0.77
N SER A 153 -31.57 -6.54 -0.77
CA SER A 153 -31.23 -5.44 0.12
C SER A 153 -30.80 -4.20 -0.66
N HIS A 154 -31.53 -3.90 -1.73
CA HIS A 154 -31.26 -2.73 -2.55
C HIS A 154 -32.58 -2.10 -2.97
N ASP A 155 -32.54 -0.79 -3.23
CA ASP A 155 -33.72 -0.07 -3.68
C ASP A 155 -34.01 -0.50 -5.13
N GLY A 156 -35.04 -1.33 -5.28
CA GLY A 156 -35.34 -1.90 -6.59
C GLY A 156 -35.52 -3.39 -6.53
N GLY A 157 -35.51 -3.95 -5.31
CA GLY A 157 -35.76 -5.37 -5.11
C GLY A 157 -37.13 -5.78 -5.57
N LYS A 158 -37.45 -7.07 -5.44
CA LYS A 158 -38.69 -7.66 -5.92
C LYS A 158 -38.69 -7.75 -7.44
N GLN A 159 -37.67 -7.16 -8.07
CA GLN A 159 -37.46 -7.26 -9.51
C GLN A 159 -36.19 -8.02 -9.87
N ALA A 160 -35.18 -7.99 -9.01
CA ALA A 160 -33.99 -8.80 -9.23
C ALA A 160 -34.26 -10.26 -8.92
N LEU A 161 -35.13 -10.55 -7.96
CA LEU A 161 -35.42 -11.94 -7.60
C LEU A 161 -36.14 -12.67 -8.72
N GLU A 162 -37.20 -12.07 -9.26
CA GLU A 162 -37.92 -12.70 -10.36
C GLU A 162 -37.03 -12.86 -11.60
N THR A 163 -36.23 -11.84 -11.90
CA THR A 163 -35.33 -11.93 -13.04
C THR A 163 -34.29 -13.03 -12.84
N VAL A 164 -33.77 -13.17 -11.63
CA VAL A 164 -32.82 -14.25 -11.35
C VAL A 164 -33.49 -15.60 -11.54
N GLN A 165 -34.69 -15.76 -10.99
CA GLN A 165 -35.43 -17.02 -11.14
C GLN A 165 -35.66 -17.35 -12.60
N ARG A 166 -35.92 -16.32 -13.42
CA ARG A 166 -36.26 -16.57 -14.82
C ARG A 166 -35.03 -16.76 -15.70
N LEU A 167 -33.89 -16.18 -15.32
CA LEU A 167 -32.75 -16.11 -16.23
C LEU A 167 -31.50 -16.87 -15.79
N LEU A 168 -31.45 -17.40 -14.57
CA LEU A 168 -30.24 -18.11 -14.15
C LEU A 168 -29.95 -19.34 -15.01
N PRO A 169 -30.90 -20.27 -15.23
CA PRO A 169 -30.58 -21.41 -16.11
C PRO A 169 -30.22 -21.01 -17.53
N VAL A 170 -30.91 -20.02 -18.10
CA VAL A 170 -30.66 -19.64 -19.49
C VAL A 170 -29.25 -19.07 -19.64
N LEU A 171 -28.85 -18.20 -18.71
CA LEU A 171 -27.51 -17.63 -18.76
C LEU A 171 -26.45 -18.67 -18.47
N CYS A 172 -26.71 -19.58 -17.53
CA CYS A 172 -25.70 -20.56 -17.13
C CYS A 172 -25.56 -21.72 -18.09
N GLN A 173 -26.54 -21.95 -18.97
CA GLN A 173 -26.47 -23.04 -19.93
C GLN A 173 -26.03 -22.59 -21.32
N ALA A 174 -26.70 -21.61 -21.90
CA ALA A 174 -26.40 -21.22 -23.27
C ALA A 174 -25.10 -20.42 -23.35
N HIS A 175 -25.07 -19.25 -22.70
CA HIS A 175 -23.86 -18.42 -22.76
C HIS A 175 -22.73 -19.04 -21.96
N GLY A 176 -23.00 -19.46 -20.72
CA GLY A 176 -22.01 -20.10 -19.89
C GLY A 176 -21.38 -19.16 -18.90
N LEU A 177 -21.87 -19.19 -17.65
CA LEU A 177 -21.38 -18.31 -16.61
C LEU A 177 -21.55 -19.00 -15.27
N THR A 178 -20.61 -18.73 -14.35
CA THR A 178 -20.71 -19.27 -13.01
C THR A 178 -21.83 -18.57 -12.25
N PRO A 179 -22.63 -19.30 -11.47
CA PRO A 179 -23.77 -18.66 -10.78
C PRO A 179 -23.39 -17.52 -9.86
N GLU A 180 -22.23 -17.56 -9.21
CA GLU A 180 -21.78 -16.42 -8.43
C GLU A 180 -21.61 -15.18 -9.27
N GLN A 181 -21.24 -15.33 -10.55
CA GLN A 181 -21.17 -14.16 -11.43
C GLN A 181 -22.55 -13.53 -11.62
N VAL A 182 -23.58 -14.37 -11.81
CA VAL A 182 -24.93 -13.86 -11.97
C VAL A 182 -25.40 -13.18 -10.70
N VAL A 183 -25.08 -13.77 -9.54
CA VAL A 183 -25.46 -13.16 -8.26
C VAL A 183 -24.77 -11.81 -8.09
N ALA A 184 -23.49 -11.73 -8.45
CA ALA A 184 -22.76 -10.46 -8.34
C ALA A 184 -23.35 -9.41 -9.27
N ILE A 185 -23.77 -9.82 -10.48
CA ILE A 185 -24.42 -8.88 -11.39
C ILE A 185 -25.73 -8.38 -10.79
N ALA A 186 -26.52 -9.28 -10.22
CA ALA A 186 -27.84 -8.94 -9.72
C ALA A 186 -27.83 -8.32 -8.32
N SER A 187 -26.66 -8.21 -7.68
CA SER A 187 -26.56 -7.67 -6.33
C SER A 187 -26.28 -6.18 -6.32
N ASN A 188 -26.75 -5.43 -7.31
CA ASN A 188 -26.59 -3.99 -7.37
C ASN A 188 -27.90 -3.36 -7.81
N GLY A 189 -28.01 -2.06 -7.59
CA GLY A 189 -29.19 -1.31 -8.00
C GLY A 189 -29.46 -1.41 -9.48
N GLY A 190 -30.71 -1.72 -9.84
CA GLY A 190 -31.05 -1.94 -11.24
C GLY A 190 -30.40 -3.19 -11.83
N GLY A 191 -30.37 -4.29 -11.07
CA GLY A 191 -29.75 -5.50 -11.56
C GLY A 191 -30.55 -6.20 -12.64
N LYS A 192 -31.87 -5.98 -12.66
CA LYS A 192 -32.71 -6.58 -13.69
C LYS A 192 -32.31 -6.08 -15.08
N GLN A 193 -32.12 -4.77 -15.20
CA GLN A 193 -31.67 -4.20 -16.47
C GLN A 193 -30.30 -4.72 -16.85
N ALA A 194 -29.40 -4.85 -15.87
CA ALA A 194 -28.06 -5.37 -16.15
C ALA A 194 -28.13 -6.80 -16.68
N LEU A 195 -28.95 -7.65 -16.05
CA LEU A 195 -29.06 -9.03 -16.50
C LEU A 195 -29.64 -9.11 -17.91
N GLU A 196 -30.71 -8.35 -18.18
CA GLU A 196 -31.32 -8.38 -19.50
C GLU A 196 -30.35 -7.88 -20.56
N THR A 197 -29.63 -6.78 -20.27
CA THR A 197 -28.69 -6.24 -21.24
C THR A 197 -27.53 -7.18 -21.49
N VAL A 198 -27.03 -7.85 -20.45
CA VAL A 198 -25.96 -8.82 -20.63
C VAL A 198 -26.44 -9.96 -21.53
N GLN A 199 -27.64 -10.48 -21.25
CA GLN A 199 -28.19 -11.54 -22.08
C GLN A 199 -28.33 -11.10 -23.52
N ARG A 200 -28.68 -9.84 -23.75
CA ARG A 200 -28.90 -9.35 -25.11
C ARG A 200 -27.60 -9.05 -25.85
N LEU A 201 -26.56 -8.60 -25.15
CA LEU A 201 -25.38 -8.03 -25.82
C LEU A 201 -24.09 -8.83 -25.61
N LEU A 202 -24.10 -9.94 -24.86
CA LEU A 202 -22.85 -10.65 -24.65
C LEU A 202 -22.24 -11.22 -25.92
N PRO A 203 -22.96 -11.97 -26.77
CA PRO A 203 -22.30 -12.53 -27.97
C PRO A 203 -21.82 -11.48 -28.96
N VAL A 204 -22.55 -10.37 -29.11
CA VAL A 204 -22.15 -9.34 -30.06
C VAL A 204 -20.83 -8.70 -29.63
N LEU A 205 -20.70 -8.40 -28.35
CA LEU A 205 -19.44 -7.83 -27.86
C LEU A 205 -18.32 -8.86 -27.85
N CYS A 206 -18.64 -10.13 -27.63
CA CYS A 206 -17.59 -11.16 -27.60
C CYS A 206 -17.16 -11.62 -28.97
N GLN A 207 -17.92 -11.32 -30.03
CA GLN A 207 -17.62 -11.79 -31.37
C GLN A 207 -17.04 -10.70 -32.27
N ALA A 208 -17.63 -9.51 -32.25
CA ALA A 208 -17.19 -8.44 -33.14
C ALA A 208 -16.07 -7.60 -32.54
N HIS A 209 -16.18 -7.24 -31.26
CA HIS A 209 -15.19 -6.37 -30.62
C HIS A 209 -14.11 -7.15 -29.87
N GLY A 210 -14.18 -8.48 -29.86
CA GLY A 210 -13.13 -9.29 -29.28
C GLY A 210 -12.91 -9.10 -27.78
N LEU A 211 -13.97 -9.11 -27.00
CA LEU A 211 -13.90 -8.94 -25.56
C LEU A 211 -14.19 -10.26 -24.86
N THR A 212 -13.40 -10.57 -23.83
CA THR A 212 -13.61 -11.77 -23.05
C THR A 212 -14.80 -11.60 -22.10
N PRO A 213 -15.51 -12.69 -21.78
CA PRO A 213 -16.69 -12.55 -20.91
C PRO A 213 -16.41 -11.96 -19.55
N GLU A 214 -15.22 -12.18 -18.98
CA GLU A 214 -14.92 -11.62 -17.67
C GLU A 214 -14.95 -10.10 -17.71
N GLN A 215 -14.42 -9.49 -18.77
CA GLN A 215 -14.47 -8.03 -18.89
C GLN A 215 -15.91 -7.54 -18.99
N VAL A 216 -16.75 -8.23 -19.77
CA VAL A 216 -18.15 -7.83 -19.91
C VAL A 216 -18.85 -7.92 -18.55
N VAL A 217 -18.57 -8.96 -17.78
CA VAL A 217 -19.16 -9.09 -16.45
C VAL A 217 -18.67 -7.96 -15.54
N ALA A 218 -17.38 -7.60 -15.66
CA ALA A 218 -16.83 -6.53 -14.83
C ALA A 218 -17.50 -5.20 -15.15
N ILE A 219 -17.81 -4.95 -16.42
CA ILE A 219 -18.49 -3.71 -16.78
C ILE A 219 -19.89 -3.66 -16.19
N ALA A 220 -20.57 -4.81 -16.13
CA ALA A 220 -21.97 -4.87 -15.72
C ALA A 220 -22.16 -5.13 -14.24
N SER A 221 -21.08 -5.11 -13.45
CA SER A 221 -21.16 -5.34 -12.01
C SER A 221 -21.08 -4.05 -11.21
N ASN A 222 -21.62 -2.96 -11.76
CA ASN A 222 -21.63 -1.66 -11.09
C ASN A 222 -23.03 -1.06 -11.18
N ILE A 223 -23.38 -0.27 -10.16
CA ILE A 223 -24.66 0.43 -10.18
C ILE A 223 -24.64 1.47 -11.29
N GLY A 224 -25.67 1.46 -12.12
CA GLY A 224 -25.69 2.26 -13.33
C GLY A 224 -25.38 1.52 -14.60
N GLY A 225 -25.39 0.19 -14.57
CA GLY A 225 -25.19 -0.61 -15.77
C GLY A 225 -26.31 -0.41 -16.79
N LYS A 226 -26.26 -1.16 -17.88
CA LYS A 226 -27.20 -1.06 -19.00
C LYS A 226 -26.93 0.24 -19.77
N GLN A 227 -26.04 1.08 -19.23
CA GLN A 227 -25.62 2.31 -19.88
C GLN A 227 -24.17 2.28 -20.29
N ALA A 228 -23.31 1.57 -19.55
CA ALA A 228 -21.92 1.44 -19.93
C ALA A 228 -21.74 0.43 -21.07
N LEU A 229 -22.57 -0.61 -21.13
CA LEU A 229 -22.43 -1.61 -22.18
C LEU A 229 -22.76 -1.03 -23.54
N GLU A 230 -23.91 -0.34 -23.64
CA GLU A 230 -24.30 0.27 -24.91
C GLU A 230 -23.33 1.36 -25.32
N THR A 231 -22.88 2.19 -24.37
CA THR A 231 -21.92 3.24 -24.68
C THR A 231 -20.61 2.65 -25.16
N VAL A 232 -20.14 1.56 -24.54
CA VAL A 232 -18.93 0.89 -24.99
C VAL A 232 -19.10 0.37 -26.40
N GLN A 233 -20.24 -0.28 -26.66
CA GLN A 233 -20.51 -0.81 -27.99
C GLN A 233 -20.49 0.30 -29.04
N ARG A 234 -21.02 1.47 -28.70
CA ARG A 234 -21.07 2.57 -29.65
C ARG A 234 -19.74 3.27 -29.84
N LEU A 235 -18.93 3.38 -28.78
CA LEU A 235 -17.76 4.27 -28.80
C LEU A 235 -16.41 3.56 -28.79
N LEU A 236 -16.38 2.23 -28.74
CA LEU A 236 -15.10 1.54 -28.75
C LEU A 236 -14.31 1.75 -30.04
N PRO A 237 -14.88 1.58 -31.24
CA PRO A 237 -14.06 1.76 -32.45
C PRO A 237 -13.52 3.17 -32.62
N VAL A 238 -14.32 4.20 -32.35
CA VAL A 238 -13.85 5.57 -32.57
C VAL A 238 -12.76 5.93 -31.58
N LEU A 239 -12.87 5.46 -30.33
CA LEU A 239 -11.82 5.73 -29.36
C LEU A 239 -10.55 4.96 -29.69
N CYS A 240 -10.69 3.72 -30.15
CA CYS A 240 -9.52 2.91 -30.46
C CYS A 240 -8.82 3.34 -31.74
N GLN A 241 -9.53 3.98 -32.68
CA GLN A 241 -8.94 4.37 -33.94
C GLN A 241 -8.54 5.84 -33.97
N ALA A 242 -9.49 6.75 -33.71
CA ALA A 242 -9.21 8.17 -33.87
C ALA A 242 -8.23 8.69 -32.81
N HIS A 243 -8.49 8.36 -31.55
CA HIS A 243 -7.68 8.88 -30.45
C HIS A 243 -6.54 7.96 -30.05
N GLY A 244 -6.43 6.79 -30.67
CA GLY A 244 -5.31 5.90 -30.40
C GLY A 244 -5.25 5.39 -28.99
N LEU A 245 -6.25 4.62 -28.58
CA LEU A 245 -6.30 4.03 -27.25
C LEU A 245 -6.28 2.51 -27.36
N THR A 246 -6.39 1.85 -26.20
CA THR A 246 -6.27 0.41 -26.08
C THR A 246 -7.51 -0.15 -25.40
N PRO A 247 -8.00 -1.33 -25.79
CA PRO A 247 -9.27 -1.83 -25.21
C PRO A 247 -9.26 -1.94 -23.70
N GLU A 248 -8.13 -2.31 -23.10
CA GLU A 248 -8.06 -2.41 -21.64
C GLU A 248 -8.28 -1.05 -20.99
N GLN A 249 -7.74 0.01 -21.59
CA GLN A 249 -7.98 1.35 -21.04
C GLN A 249 -9.45 1.73 -21.09
N VAL A 250 -10.12 1.41 -22.19
CA VAL A 250 -11.55 1.69 -22.31
C VAL A 250 -12.34 0.89 -21.27
N VAL A 251 -11.99 -0.38 -21.09
CA VAL A 251 -12.69 -1.21 -20.11
C VAL A 251 -12.49 -0.66 -18.71
N ALA A 252 -11.26 -0.25 -18.38
CA ALA A 252 -10.99 0.32 -17.06
C ALA A 252 -11.77 1.61 -16.86
N ILE A 253 -11.88 2.44 -17.90
CA ILE A 253 -12.66 3.67 -17.79
C ILE A 253 -14.13 3.35 -17.55
N ALA A 254 -14.66 2.36 -18.26
CA ALA A 254 -16.09 2.05 -18.18
C ALA A 254 -16.46 1.13 -17.03
N SER A 255 -15.49 0.62 -16.27
CA SER A 255 -15.76 -0.32 -15.19
C SER A 255 -16.03 0.34 -13.85
N ASN A 256 -16.49 1.60 -13.84
CA ASN A 256 -16.80 2.32 -12.61
C ASN A 256 -18.20 2.90 -12.72
N ASN A 257 -18.66 3.51 -11.61
CA ASN A 257 -19.97 4.14 -11.60
C ASN A 257 -19.99 5.34 -12.52
N GLY A 258 -21.06 5.46 -13.32
CA GLY A 258 -21.12 6.52 -14.30
C GLY A 258 -20.05 6.44 -15.37
N GLY A 259 -19.77 5.23 -15.86
CA GLY A 259 -18.74 5.07 -16.87
C GLY A 259 -19.13 5.67 -18.21
N LYS A 260 -20.42 5.78 -18.48
CA LYS A 260 -20.88 6.39 -19.73
C LYS A 260 -20.49 7.86 -19.79
N GLN A 261 -20.69 8.59 -18.70
CA GLN A 261 -20.29 9.98 -18.64
C GLN A 261 -18.77 10.13 -18.77
N ALA A 262 -18.02 9.23 -18.14
CA ALA A 262 -16.57 9.26 -18.25
C ALA A 262 -16.11 9.05 -19.68
N LEU A 263 -16.71 8.08 -20.38
CA LEU A 263 -16.34 7.83 -21.76
C LEU A 263 -16.65 9.04 -22.65
N GLU A 264 -17.84 9.62 -22.48
CA GLU A 264 -18.20 10.78 -23.28
C GLU A 264 -17.27 11.97 -23.01
N THR A 265 -16.96 12.21 -21.74
CA THR A 265 -16.08 13.32 -21.40
C THR A 265 -14.66 13.09 -21.91
N VAL A 266 -14.18 11.85 -21.85
CA VAL A 266 -12.86 11.55 -22.40
C VAL A 266 -12.83 11.83 -23.90
N GLN A 267 -13.85 11.35 -24.62
CA GLN A 267 -13.92 11.62 -26.05
C GLN A 267 -13.95 13.11 -26.35
N ARG A 268 -14.66 13.89 -25.53
CA ARG A 268 -14.79 15.32 -25.79
C ARG A 268 -13.51 16.09 -25.44
N LEU A 269 -12.80 15.69 -24.38
CA LEU A 269 -11.77 16.54 -23.81
C LEU A 269 -10.36 15.97 -23.87
N LEU A 270 -10.14 14.83 -24.54
CA LEU A 270 -8.77 14.33 -24.67
C LEU A 270 -7.85 15.28 -25.43
N PRO A 271 -8.19 15.75 -26.64
CA PRO A 271 -7.24 16.62 -27.35
C PRO A 271 -6.98 17.95 -26.64
N VAL A 272 -7.98 18.53 -26.01
CA VAL A 272 -7.80 19.84 -25.36
C VAL A 272 -6.81 19.71 -24.22
N LEU A 273 -6.95 18.67 -23.39
CA LEU A 273 -6.03 18.47 -22.28
C LEU A 273 -4.66 18.04 -22.77
N CYS A 274 -4.58 17.28 -23.86
CA CYS A 274 -3.29 16.80 -24.35
C CYS A 274 -2.54 17.83 -25.20
N GLN A 275 -3.19 18.92 -25.60
CA GLN A 275 -2.54 19.94 -26.42
C GLN A 275 -2.35 21.26 -25.71
N ALA A 276 -3.42 21.83 -25.14
CA ALA A 276 -3.33 23.16 -24.55
C ALA A 276 -2.53 23.15 -23.25
N HIS A 277 -2.80 22.17 -22.37
CA HIS A 277 -2.18 22.16 -21.06
C HIS A 277 -0.88 21.36 -21.03
N GLY A 278 -0.86 20.20 -21.67
CA GLY A 278 0.31 19.35 -21.67
C GLY A 278 0.17 18.22 -20.68
N LEU A 279 -0.26 17.05 -21.18
CA LEU A 279 -0.56 15.90 -20.33
C LEU A 279 -0.60 14.68 -21.22
N THR A 280 0.14 13.63 -20.83
CA THR A 280 0.10 12.40 -21.58
C THR A 280 -1.27 11.74 -21.47
N PRO A 281 -1.70 10.99 -22.48
CA PRO A 281 -3.00 10.32 -22.40
C PRO A 281 -3.13 9.37 -21.22
N GLU A 282 -2.01 8.81 -20.75
CA GLU A 282 -2.06 7.95 -19.58
C GLU A 282 -2.57 8.70 -18.35
N GLN A 283 -2.16 9.96 -18.19
CA GLN A 283 -2.65 10.76 -17.08
C GLN A 283 -4.14 11.01 -17.18
N VAL A 284 -4.64 11.29 -18.39
CA VAL A 284 -6.08 11.49 -18.58
C VAL A 284 -6.84 10.21 -18.24
N VAL A 285 -6.33 9.07 -18.69
CA VAL A 285 -6.98 7.80 -18.38
C VAL A 285 -6.98 7.55 -16.88
N ALA A 286 -5.87 7.86 -16.21
CA ALA A 286 -5.81 7.69 -14.75
C ALA A 286 -6.81 8.58 -14.04
N ILE A 287 -6.99 9.81 -14.52
CA ILE A 287 -7.98 10.71 -13.94
C ILE A 287 -9.38 10.16 -14.14
N ALA A 288 -9.70 9.69 -15.34
CA ALA A 288 -11.05 9.30 -15.70
C ALA A 288 -11.38 7.84 -15.35
N SER A 289 -10.66 7.24 -14.41
CA SER A 289 -10.85 5.84 -14.05
C SER A 289 -11.37 5.70 -12.61
N HIS A 290 -12.22 6.64 -12.19
CA HIS A 290 -12.76 6.62 -10.84
C HIS A 290 -14.19 7.15 -10.90
N ASP A 291 -14.93 6.92 -9.82
CA ASP A 291 -16.29 7.43 -9.72
C ASP A 291 -16.29 8.96 -9.78
N GLY A 292 -17.20 9.50 -10.57
CA GLY A 292 -17.18 10.93 -10.84
C GLY A 292 -15.98 11.37 -11.66
N GLY A 293 -15.63 10.60 -12.69
CA GLY A 293 -14.47 10.95 -13.50
C GLY A 293 -14.65 12.22 -14.29
N LYS A 294 -15.86 12.46 -14.81
CA LYS A 294 -16.10 13.66 -15.60
C LYS A 294 -15.95 14.92 -14.75
N GLN A 295 -16.39 14.86 -13.49
CA GLN A 295 -16.22 16.00 -12.61
C GLN A 295 -14.75 16.29 -12.38
N ALA A 296 -13.94 15.25 -12.16
CA ALA A 296 -12.51 15.44 -11.99
C ALA A 296 -11.87 16.03 -13.23
N LEU A 297 -12.25 15.53 -14.42
CA LEU A 297 -11.67 16.04 -15.66
C LEU A 297 -12.00 17.51 -15.87
N GLU A 298 -13.28 17.86 -15.73
CA GLU A 298 -13.68 19.26 -15.92
C GLU A 298 -13.05 20.17 -14.89
N THR A 299 -12.98 19.73 -13.63
CA THR A 299 -12.36 20.54 -12.59
C THR A 299 -10.87 20.72 -12.85
N VAL A 300 -10.19 19.69 -13.32
CA VAL A 300 -8.77 19.81 -13.66
C VAL A 300 -8.59 20.83 -14.77
N GLN A 301 -9.41 20.72 -15.82
CA GLN A 301 -9.31 21.68 -16.92
C GLN A 301 -9.56 23.10 -16.44
N ARG A 302 -10.46 23.27 -15.47
CA ARG A 302 -10.77 24.62 -14.99
C ARG A 302 -9.71 25.17 -14.06
N LEU A 303 -9.09 24.31 -13.24
CA LEU A 303 -8.27 24.78 -12.12
C LEU A 303 -6.78 24.53 -12.27
N LEU A 304 -6.33 23.89 -13.34
CA LEU A 304 -4.90 23.62 -13.47
C LEU A 304 -4.06 24.89 -13.57
N PRO A 305 -4.38 25.89 -14.42
CA PRO A 305 -3.50 27.07 -14.49
C PRO A 305 -3.45 27.89 -13.21
N VAL A 306 -4.59 28.13 -12.56
CA VAL A 306 -4.59 28.96 -11.36
C VAL A 306 -3.80 28.31 -10.24
N LEU A 307 -4.00 27.01 -10.02
CA LEU A 307 -3.25 26.31 -8.97
C LEU A 307 -1.78 26.18 -9.33
N CYS A 308 -1.44 26.00 -10.60
CA CYS A 308 -0.06 25.87 -11.00
C CYS A 308 0.69 27.21 -11.02
N GLN A 309 -0.01 28.33 -11.08
CA GLN A 309 0.63 29.63 -11.15
C GLN A 309 0.62 30.38 -9.82
N ALA A 310 -0.54 30.47 -9.17
CA ALA A 310 -0.66 31.27 -7.96
C ALA A 310 -0.32 30.53 -6.68
N HIS A 311 -0.10 29.21 -6.75
CA HIS A 311 0.14 28.43 -5.54
C HIS A 311 1.26 27.42 -5.71
N GLY A 312 2.19 27.67 -6.63
CA GLY A 312 3.19 26.67 -6.94
C GLY A 312 2.54 25.45 -7.57
N LEU A 313 2.62 24.30 -6.91
CA LEU A 313 1.76 23.16 -7.19
C LEU A 313 1.90 22.69 -8.64
N THR A 314 3.10 22.15 -8.94
CA THR A 314 3.43 21.55 -10.22
C THR A 314 2.32 20.61 -10.70
N PRO A 315 2.13 20.46 -12.02
CA PRO A 315 0.99 19.67 -12.52
C PRO A 315 0.97 18.22 -12.05
N GLU A 316 2.13 17.64 -11.75
CA GLU A 316 2.16 16.27 -11.25
C GLU A 316 1.39 16.16 -9.93
N GLN A 317 1.55 17.14 -9.05
CA GLN A 317 0.83 17.14 -7.79
C GLN A 317 -0.68 17.26 -8.00
N VAL A 318 -1.09 18.11 -8.95
CA VAL A 318 -2.51 18.25 -9.26
C VAL A 318 -3.08 16.94 -9.77
N VAL A 319 -2.35 16.27 -10.67
CA VAL A 319 -2.80 14.98 -11.19
C VAL A 319 -2.89 13.95 -10.07
N ALA A 320 -1.91 13.97 -9.15
CA ALA A 320 -1.95 13.05 -8.02
C ALA A 320 -3.16 13.30 -7.14
N ILE A 321 -3.50 14.57 -6.90
CA ILE A 321 -4.68 14.90 -6.09
C ILE A 321 -5.96 14.44 -6.79
N ALA A 322 -6.05 14.63 -8.09
CA ALA A 322 -7.30 14.39 -8.81
C ALA A 322 -7.50 12.93 -9.23
N SER A 323 -6.62 12.02 -8.82
CA SER A 323 -6.68 10.62 -9.24
C SER A 323 -7.33 9.73 -8.17
N HIS A 324 -8.31 10.24 -7.44
CA HIS A 324 -9.00 9.49 -6.41
C HIS A 324 -10.49 9.78 -6.49
N ASP A 325 -11.28 8.95 -5.81
CA ASP A 325 -12.71 9.18 -5.75
C ASP A 325 -13.01 10.50 -5.04
N GLY A 326 -13.94 11.26 -5.60
CA GLY A 326 -14.20 12.60 -5.08
C GLY A 326 -13.02 13.54 -5.21
N GLY A 327 -12.37 13.53 -6.37
CA GLY A 327 -11.20 14.36 -6.63
C GLY A 327 -11.48 15.80 -6.95
N LYS A 328 -12.75 16.17 -7.10
CA LYS A 328 -13.14 17.55 -7.33
C LYS A 328 -13.27 18.35 -6.04
N GLN A 329 -13.91 17.74 -5.03
CA GLN A 329 -14.02 18.39 -3.72
C GLN A 329 -12.64 18.59 -3.11
N ALA A 330 -11.73 17.64 -3.27
CA ALA A 330 -10.39 17.78 -2.74
C ALA A 330 -9.66 18.96 -3.39
N LEU A 331 -9.78 19.10 -4.70
CA LEU A 331 -9.13 20.21 -5.40
C LEU A 331 -9.69 21.55 -4.93
N GLU A 332 -11.02 21.64 -4.83
CA GLU A 332 -11.63 22.90 -4.39
C GLU A 332 -11.23 23.23 -2.95
N THR A 333 -11.21 22.23 -2.07
CA THR A 333 -10.82 22.46 -0.69
C THR A 333 -9.35 22.88 -0.59
N VAL A 334 -8.48 22.28 -1.40
CA VAL A 334 -7.07 22.68 -1.39
C VAL A 334 -6.95 24.14 -1.82
N GLN A 335 -7.63 24.51 -2.90
CA GLN A 335 -7.60 25.89 -3.36
C GLN A 335 -8.11 26.84 -2.30
N ARG A 336 -9.12 26.43 -1.54
CA ARG A 336 -9.69 27.30 -0.52
C ARG A 336 -8.82 27.41 0.73
N LEU A 337 -8.14 26.33 1.11
CA LEU A 337 -7.52 26.26 2.43
C LEU A 337 -5.99 26.26 2.43
N LEU A 338 -5.34 26.30 1.26
CA LEU A 338 -3.88 26.36 1.27
C LEU A 338 -3.33 27.58 2.00
N PRO A 339 -3.79 28.81 1.75
CA PRO A 339 -3.15 29.96 2.42
C PRO A 339 -3.32 29.96 3.93
N VAL A 340 -4.53 29.68 4.42
CA VAL A 340 -4.75 29.75 5.87
C VAL A 340 -4.00 28.64 6.59
N LEU A 341 -3.83 27.49 5.95
CA LEU A 341 -3.11 26.39 6.59
C LEU A 341 -1.60 26.59 6.53
N CYS A 342 -1.08 27.18 5.46
CA CYS A 342 0.35 27.39 5.36
C CYS A 342 0.81 28.73 5.93
N GLN A 343 -0.12 29.58 6.37
CA GLN A 343 0.21 30.91 6.87
C GLN A 343 -0.11 31.11 8.34
N ALA A 344 -1.03 30.33 8.91
CA ALA A 344 -1.40 30.45 10.31
C ALA A 344 -0.96 29.28 11.17
N HIS A 345 -1.01 28.05 10.64
CA HIS A 345 -0.63 26.87 11.40
C HIS A 345 0.78 26.40 11.10
N GLY A 346 1.49 27.05 10.18
CA GLY A 346 2.86 26.69 9.87
C GLY A 346 3.03 25.31 9.27
N LEU A 347 2.45 25.10 8.09
CA LEU A 347 2.52 23.81 7.40
C LEU A 347 3.08 24.02 6.01
N THR A 348 3.93 23.10 5.57
CA THR A 348 4.47 23.15 4.23
C THR A 348 3.45 22.66 3.21
N PRO A 349 3.51 23.16 1.97
CA PRO A 349 2.55 22.71 0.95
C PRO A 349 2.59 21.22 0.68
N GLU A 350 3.75 20.59 0.79
CA GLU A 350 3.85 19.15 0.56
C GLU A 350 3.01 18.38 1.58
N GLN A 351 2.99 18.83 2.83
CA GLN A 351 2.16 18.18 3.85
C GLN A 351 0.69 18.27 3.49
N VAL A 352 0.24 19.44 3.01
CA VAL A 352 -1.16 19.60 2.62
C VAL A 352 -1.48 18.69 1.45
N VAL A 353 -0.58 18.61 0.46
CA VAL A 353 -0.83 17.74 -0.69
C VAL A 353 -0.89 16.28 -0.25
N ALA A 354 -0.01 15.87 0.67
CA ALA A 354 -0.03 14.50 1.15
C ALA A 354 -1.32 14.19 1.89
N ILE A 355 -1.83 15.16 2.66
CA ILE A 355 -3.12 14.98 3.34
C ILE A 355 -4.24 14.84 2.32
N ALA A 356 -4.22 15.66 1.27
CA ALA A 356 -5.32 15.72 0.32
C ALA A 356 -5.27 14.63 -0.74
N SER A 357 -4.22 13.83 -0.82
CA SER A 357 -4.08 12.80 -1.84
C SER A 357 -4.64 11.46 -1.37
N ASN A 358 -5.89 11.47 -0.90
CA ASN A 358 -6.53 10.26 -0.42
C ASN A 358 -8.04 10.41 -0.59
N GLY A 359 -8.74 9.27 -0.52
CA GLY A 359 -10.19 9.30 -0.55
C GLY A 359 -10.76 10.07 0.62
N GLY A 360 -11.68 10.98 0.35
CA GLY A 360 -12.24 11.83 1.39
C GLY A 360 -11.23 12.80 1.99
N GLY A 361 -10.43 13.45 1.15
CA GLY A 361 -9.42 14.36 1.66
C GLY A 361 -9.97 15.69 2.16
N LYS A 362 -11.13 16.11 1.66
CA LYS A 362 -11.73 17.36 2.10
C LYS A 362 -12.09 17.31 3.58
N GLN A 363 -12.67 16.20 4.03
CA GLN A 363 -12.99 16.04 5.43
C GLN A 363 -11.73 16.05 6.29
N ALA A 364 -10.67 15.40 5.80
CA ALA A 364 -9.41 15.38 6.53
C ALA A 364 -8.84 16.78 6.67
N LEU A 365 -8.88 17.58 5.60
CA LEU A 365 -8.37 18.94 5.67
C LEU A 365 -9.17 19.79 6.65
N GLU A 366 -10.50 19.69 6.59
CA GLU A 366 -11.34 20.45 7.51
C GLU A 366 -11.08 20.04 8.96
N THR A 367 -10.97 18.73 9.21
CA THR A 367 -10.71 18.26 10.57
C THR A 367 -9.35 18.70 11.06
N VAL A 368 -8.33 18.71 10.19
CA VAL A 368 -7.02 19.21 10.58
C VAL A 368 -7.10 20.67 10.99
N GLN A 369 -7.75 21.48 10.16
CA GLN A 369 -7.91 22.90 10.49
C GLN A 369 -8.66 23.09 11.80
N ARG A 370 -9.63 22.22 12.08
CA ARG A 370 -10.41 22.38 13.30
C ARG A 370 -9.66 21.93 14.55
N LEU A 371 -8.85 20.86 14.45
CA LEU A 371 -8.33 20.18 15.62
C LEU A 371 -6.83 20.25 15.80
N LEU A 372 -6.10 20.99 14.96
CA LEU A 372 -4.66 21.12 15.20
C LEU A 372 -4.32 21.80 16.52
N PRO A 373 -4.89 22.96 16.87
CA PRO A 373 -4.43 23.63 18.11
C PRO A 373 -4.79 22.86 19.37
N VAL A 374 -5.99 22.29 19.45
CA VAL A 374 -6.40 21.58 20.66
C VAL A 374 -5.53 20.35 20.87
N LEU A 375 -5.21 19.61 19.81
CA LEU A 375 -4.33 18.46 19.95
C LEU A 375 -2.91 18.89 20.30
N CYS A 376 -2.47 20.02 19.76
CA CYS A 376 -1.08 20.44 19.98
C CYS A 376 -0.85 21.02 21.37
N GLN A 377 -1.85 21.68 21.97
CA GLN A 377 -1.65 22.42 23.21
C GLN A 377 -2.38 21.84 24.41
N ALA A 378 -3.18 20.79 24.23
CA ALA A 378 -3.85 20.16 25.36
C ALA A 378 -3.38 18.74 25.63
N HIS A 379 -2.79 18.06 24.65
CA HIS A 379 -2.26 16.73 24.82
C HIS A 379 -0.76 16.63 24.56
N GLY A 380 -0.15 17.64 23.95
CA GLY A 380 1.28 17.63 23.72
C GLY A 380 1.69 16.79 22.52
N LEU A 381 1.24 17.16 21.33
CA LEU A 381 1.58 16.44 20.11
C LEU A 381 2.25 17.38 19.12
N THR A 382 3.30 16.89 18.48
CA THR A 382 3.95 17.62 17.41
C THR A 382 3.05 17.67 16.18
N PRO A 383 3.07 18.75 15.41
CA PRO A 383 2.28 18.79 14.18
C PRO A 383 2.59 17.67 13.21
N GLU A 384 3.83 17.17 13.21
CA GLU A 384 4.17 16.04 12.34
C GLU A 384 3.32 14.82 12.69
N GLN A 385 3.10 14.58 13.98
CA GLN A 385 2.28 13.44 14.39
C GLN A 385 0.83 13.59 13.89
N VAL A 386 0.28 14.81 14.00
CA VAL A 386 -1.08 15.05 13.52
C VAL A 386 -1.16 14.83 12.02
N VAL A 387 -0.17 15.32 11.28
CA VAL A 387 -0.16 15.14 9.83
C VAL A 387 -0.08 13.66 9.48
N ALA A 388 0.76 12.90 10.19
CA ALA A 388 0.88 11.47 9.93
C ALA A 388 -0.44 10.76 10.24
N ILE A 389 -1.13 11.16 11.30
CA ILE A 389 -2.42 10.57 11.62
C ILE A 389 -3.45 10.86 10.54
N ALA A 390 -3.43 12.09 10.02
CA ALA A 390 -4.46 12.54 9.08
C ALA A 390 -4.16 12.20 7.62
N SER A 391 -3.05 11.53 7.34
CA SER A 391 -2.63 11.25 5.97
C SER A 391 -3.04 9.85 5.51
N ASN A 392 -4.18 9.36 5.98
CA ASN A 392 -4.69 8.05 5.58
C ASN A 392 -6.18 8.17 5.25
N ILE A 393 -6.74 7.07 4.75
CA ILE A 393 -8.17 7.03 4.45
C ILE A 393 -8.95 7.08 5.75
N GLY A 394 -9.93 7.98 5.82
CA GLY A 394 -10.68 8.17 7.05
C GLY A 394 -9.87 8.75 8.19
N GLY A 395 -9.02 9.75 7.91
CA GLY A 395 -8.24 10.38 8.96
C GLY A 395 -9.06 11.23 9.90
N LYS A 396 -10.22 11.72 9.46
CA LYS A 396 -11.09 12.50 10.32
C LYS A 396 -11.56 11.67 11.51
N GLN A 397 -11.99 10.44 11.25
CA GLN A 397 -12.40 9.54 12.33
C GLN A 397 -11.24 9.24 13.27
N ALA A 398 -10.04 9.05 12.72
CA ALA A 398 -8.88 8.79 13.54
C ALA A 398 -8.57 9.96 14.47
N LEU A 399 -8.61 11.19 13.94
CA LEU A 399 -8.35 12.36 14.77
C LEU A 399 -9.40 12.50 15.87
N GLU A 400 -10.68 12.34 15.51
CA GLU A 400 -11.75 12.49 16.49
C GLU A 400 -11.70 11.40 17.54
N THR A 401 -11.23 10.20 17.18
CA THR A 401 -11.12 9.11 18.14
C THR A 401 -9.91 9.30 19.06
N VAL A 402 -8.80 9.81 18.51
CA VAL A 402 -7.62 10.07 19.34
C VAL A 402 -7.94 11.13 20.38
N GLN A 403 -8.60 12.21 19.96
CA GLN A 403 -8.93 13.30 20.88
C GLN A 403 -9.72 12.81 22.08
N ARG A 404 -10.53 11.76 21.90
CA ARG A 404 -11.37 11.25 22.97
C ARG A 404 -10.70 10.15 23.78
N LEU A 405 -9.91 9.29 23.14
CA LEU A 405 -9.40 8.09 23.78
C LEU A 405 -7.92 8.18 24.17
N LEU A 406 -7.27 9.33 24.00
CA LEU A 406 -5.87 9.43 24.41
C LEU A 406 -5.71 9.36 25.93
N PRO A 407 -6.34 10.23 26.73
CA PRO A 407 -6.06 10.20 28.18
C PRO A 407 -6.46 8.90 28.86
N VAL A 408 -7.57 8.27 28.43
CA VAL A 408 -8.02 7.05 29.09
C VAL A 408 -7.03 5.92 28.84
N LEU A 409 -6.51 5.81 27.62
CA LEU A 409 -5.52 4.78 27.33
C LEU A 409 -4.17 5.11 27.98
N CYS A 410 -3.85 6.39 28.12
CA CYS A 410 -2.59 6.79 28.73
C CYS A 410 -2.60 6.74 30.25
N GLN A 411 -3.77 6.63 30.88
CA GLN A 411 -3.89 6.58 32.33
C GLN A 411 -4.35 5.23 32.85
N ALA A 412 -5.43 4.68 32.27
CA ALA A 412 -5.99 3.44 32.77
C ALA A 412 -5.30 2.20 32.23
N HIS A 413 -4.36 2.34 31.29
CA HIS A 413 -3.68 1.19 30.71
C HIS A 413 -2.16 1.35 30.62
N GLY A 414 -1.62 2.49 31.02
CA GLY A 414 -0.17 2.68 31.04
C GLY A 414 0.47 2.63 29.67
N LEU A 415 -0.11 3.35 28.70
CA LEU A 415 0.41 3.40 27.34
C LEU A 415 0.94 4.79 27.05
N THR A 416 2.11 4.85 26.41
CA THR A 416 2.72 6.11 26.03
C THR A 416 2.01 6.71 24.83
N PRO A 417 2.06 8.04 24.68
CA PRO A 417 1.42 8.67 23.51
C PRO A 417 1.99 8.20 22.18
N GLU A 418 3.26 7.81 22.14
CA GLU A 418 3.86 7.33 20.90
C GLU A 418 3.16 6.06 20.41
N GLN A 419 2.83 5.16 21.34
CA GLN A 419 2.13 3.93 20.96
C GLN A 419 0.74 4.23 20.40
N VAL A 420 0.01 5.16 21.02
CA VAL A 420 -1.31 5.53 20.53
C VAL A 420 -1.21 6.15 19.14
N VAL A 421 -0.21 7.02 18.94
CA VAL A 421 -0.02 7.63 17.62
C VAL A 421 0.31 6.58 16.58
N ALA A 422 1.17 5.61 16.94
CA ALA A 422 1.52 4.55 16.00
C ALA A 422 0.31 3.69 15.65
N ILE A 423 -0.55 3.41 16.63
CA ILE A 423 -1.75 2.63 16.37
C ILE A 423 -2.70 3.39 15.45
N ALA A 424 -2.87 4.69 15.68
CA ALA A 424 -3.85 5.47 14.95
C ALA A 424 -3.39 5.89 13.55
N SER A 425 -2.11 5.73 13.22
CA SER A 425 -1.59 6.17 11.93
C SER A 425 -1.63 5.05 10.90
N ASN A 426 -2.83 4.56 10.65
CA ASN A 426 -3.04 3.50 9.68
C ASN A 426 -4.48 3.56 9.19
N ASN A 427 -4.74 2.86 8.08
CA ASN A 427 -6.09 2.77 7.55
C ASN A 427 -7.00 2.06 8.55
N GLY A 428 -8.17 2.63 8.79
CA GLY A 428 -9.08 2.08 9.77
C GLY A 428 -8.56 2.13 11.19
N GLY A 429 -7.85 3.20 11.55
CA GLY A 429 -7.30 3.33 12.88
C GLY A 429 -8.32 3.68 13.95
N LYS A 430 -9.53 4.06 13.56
CA LYS A 430 -10.59 4.31 14.53
C LYS A 430 -11.00 3.01 15.24
N GLN A 431 -11.09 1.91 14.48
CA GLN A 431 -11.52 0.65 15.06
C GLN A 431 -10.43 -0.01 15.90
N ALA A 432 -9.16 0.18 15.52
CA ALA A 432 -8.06 -0.46 16.23
C ALA A 432 -7.96 0.03 17.66
N LEU A 433 -8.14 1.33 17.87
CA LEU A 433 -8.05 1.88 19.22
C LEU A 433 -9.13 1.32 20.13
N GLU A 434 -10.38 1.26 19.63
CA GLU A 434 -11.46 0.69 20.42
C GLU A 434 -11.25 -0.79 20.69
N THR A 435 -10.77 -1.53 19.69
CA THR A 435 -10.49 -2.95 19.91
C THR A 435 -9.40 -3.16 20.94
N VAL A 436 -8.36 -2.32 20.91
CA VAL A 436 -7.30 -2.41 21.91
C VAL A 436 -7.85 -2.13 23.30
N GLN A 437 -8.64 -1.06 23.42
CA GLN A 437 -9.23 -0.71 24.71
C GLN A 437 -10.09 -1.84 25.25
N ARG A 438 -10.81 -2.53 24.37
CA ARG A 438 -11.68 -3.61 24.81
C ARG A 438 -10.91 -4.89 25.16
N LEU A 439 -9.87 -5.22 24.39
CA LEU A 439 -9.27 -6.55 24.42
C LEU A 439 -7.90 -6.62 25.07
N LEU A 440 -7.34 -5.50 25.52
CA LEU A 440 -6.02 -5.57 26.15
C LEU A 440 -6.01 -6.39 27.44
N PRO A 441 -6.90 -6.18 28.41
CA PRO A 441 -6.83 -7.00 29.64
C PRO A 441 -7.08 -8.48 29.39
N VAL A 442 -8.03 -8.82 28.51
CA VAL A 442 -8.34 -10.22 28.27
C VAL A 442 -7.15 -10.92 27.63
N LEU A 443 -6.53 -10.29 26.63
CA LEU A 443 -5.37 -10.88 25.98
C LEU A 443 -4.17 -10.96 26.90
N CYS A 444 -4.03 -9.99 27.82
CA CYS A 444 -2.90 -10.00 28.73
C CYS A 444 -3.06 -11.01 29.85
N GLN A 445 -4.28 -11.27 30.31
CA GLN A 445 -4.50 -12.14 31.46
C GLN A 445 -4.83 -13.58 31.07
N ALA A 446 -5.73 -13.78 30.11
CA ALA A 446 -6.18 -15.12 29.77
C ALA A 446 -5.26 -15.85 28.80
N HIS A 447 -4.29 -15.16 28.20
CA HIS A 447 -3.40 -15.79 27.24
C HIS A 447 -1.93 -15.57 27.52
N GLY A 448 -1.56 -14.64 28.39
CA GLY A 448 -0.16 -14.43 28.73
C GLY A 448 0.62 -13.70 27.67
N LEU A 449 0.16 -12.51 27.31
CA LEU A 449 0.84 -11.67 26.32
C LEU A 449 1.20 -10.34 26.94
N THR A 450 2.38 -9.83 26.61
CA THR A 450 2.80 -8.52 27.07
C THR A 450 2.10 -7.43 26.25
N PRO A 451 1.95 -6.23 26.83
CA PRO A 451 1.30 -5.14 26.08
C PRO A 451 2.04 -4.77 24.80
N GLU A 452 3.36 -4.96 24.76
CA GLU A 452 4.11 -4.67 23.54
C GLU A 452 3.67 -5.54 22.39
N GLN A 453 3.40 -6.83 22.65
CA GLN A 453 2.93 -7.72 21.60
C GLN A 453 1.55 -7.31 21.09
N VAL A 454 0.67 -6.88 22.00
CA VAL A 454 -0.65 -6.41 21.57
C VAL A 454 -0.53 -5.17 20.71
N VAL A 455 0.34 -4.23 21.10
CA VAL A 455 0.53 -3.02 20.32
C VAL A 455 1.10 -3.36 18.95
N ALA A 456 2.06 -4.29 18.89
CA ALA A 456 2.64 -4.69 17.62
C ALA A 456 1.59 -5.33 16.71
N ILE A 457 0.72 -6.16 17.27
CA ILE A 457 -0.35 -6.76 16.48
C ILE A 457 -1.28 -5.68 15.95
N ALA A 458 -1.61 -4.70 16.79
CA ALA A 458 -2.60 -3.69 16.42
C ALA A 458 -2.06 -2.58 15.53
N SER A 459 -0.75 -2.47 15.36
CA SER A 459 -0.16 -1.35 14.62
C SER A 459 0.03 -1.68 13.14
N HIS A 460 -1.05 -2.12 12.49
CA HIS A 460 -1.03 -2.43 11.07
C HIS A 460 -2.45 -2.29 10.52
N ASP A 461 -2.54 -2.23 9.19
CA ASP A 461 -3.85 -2.16 8.55
C ASP A 461 -4.66 -3.41 8.86
N GLY A 462 -5.92 -3.20 9.24
CA GLY A 462 -6.75 -4.32 9.66
C GLY A 462 -6.29 -4.98 10.94
N GLY A 463 -5.88 -4.18 11.93
CA GLY A 463 -5.40 -4.75 13.18
C GLY A 463 -6.51 -5.31 14.05
N LYS A 464 -7.72 -4.79 13.90
CA LYS A 464 -8.86 -5.29 14.67
C LYS A 464 -9.14 -6.74 14.34
N GLN A 465 -9.16 -7.07 13.03
CA GLN A 465 -9.36 -8.45 12.62
C GLN A 465 -8.21 -9.33 13.08
N ALA A 466 -6.99 -8.79 13.07
CA ALA A 466 -5.84 -9.56 13.56
C ALA A 466 -5.99 -9.90 15.03
N LEU A 467 -6.41 -8.93 15.85
CA LEU A 467 -6.60 -9.20 17.27
C LEU A 467 -7.71 -10.21 17.51
N GLU A 468 -8.82 -10.07 16.79
CA GLU A 468 -9.93 -11.02 16.96
C GLU A 468 -9.51 -12.43 16.56
N THR A 469 -8.79 -12.56 15.44
CA THR A 469 -8.34 -13.86 14.99
C THR A 469 -7.33 -14.46 15.96
N VAL A 470 -6.44 -13.64 16.52
CA VAL A 470 -5.47 -14.14 17.49
C VAL A 470 -6.19 -14.69 18.71
N GLN A 471 -7.16 -13.93 19.23
CA GLN A 471 -7.92 -14.41 20.38
C GLN A 471 -8.65 -15.70 20.05
N ARG A 472 -9.22 -15.80 18.85
CA ARG A 472 -10.00 -16.98 18.51
C ARG A 472 -9.12 -18.21 18.30
N LEU A 473 -7.91 -18.03 17.76
CA LEU A 473 -7.14 -19.16 17.24
C LEU A 473 -5.83 -19.44 17.97
N LEU A 474 -5.48 -18.67 19.01
CA LEU A 474 -4.23 -18.96 19.71
C LEU A 474 -4.20 -20.33 20.37
N PRO A 475 -5.22 -20.75 21.15
CA PRO A 475 -5.11 -22.07 21.82
C PRO A 475 -5.03 -23.24 20.85
N VAL A 476 -5.84 -23.25 19.79
CA VAL A 476 -5.85 -24.39 18.87
C VAL A 476 -4.51 -24.50 18.14
N LEU A 477 -3.95 -23.37 17.70
CA LEU A 477 -2.66 -23.41 17.02
C LEU A 477 -1.54 -23.77 17.98
N CYS A 478 -1.62 -23.30 19.23
CA CYS A 478 -0.54 -23.53 20.17
C CYS A 478 -0.53 -24.97 20.70
N GLN A 479 -1.70 -25.60 20.79
CA GLN A 479 -1.80 -26.93 21.38
C GLN A 479 -1.84 -28.05 20.34
N ALA A 480 -2.68 -27.92 19.32
CA ALA A 480 -2.89 -29.00 18.36
C ALA A 480 -1.89 -29.00 17.21
N HIS A 481 -1.03 -27.98 17.11
CA HIS A 481 -0.06 -27.91 16.03
C HIS A 481 1.36 -27.67 16.49
N GLY A 482 1.61 -27.54 17.79
CA GLY A 482 2.95 -27.36 18.29
C GLY A 482 3.62 -26.06 17.87
N LEU A 483 2.91 -24.94 17.94
CA LEU A 483 3.43 -23.64 17.59
C LEU A 483 3.52 -22.78 18.83
N THR A 484 4.66 -22.09 19.00
CA THR A 484 4.81 -21.17 20.11
C THR A 484 4.01 -19.90 19.88
N PRO A 485 3.58 -19.22 20.94
CA PRO A 485 2.86 -17.94 20.76
C PRO A 485 3.67 -16.89 20.02
N GLU A 486 5.00 -16.94 20.10
CA GLU A 486 5.82 -15.96 19.39
C GLU A 486 5.65 -16.11 17.88
N GLN A 487 5.56 -17.34 17.38
CA GLN A 487 5.32 -17.56 15.96
C GLN A 487 3.96 -17.02 15.54
N VAL A 488 2.94 -17.22 16.38
CA VAL A 488 1.62 -16.70 16.07
C VAL A 488 1.65 -15.17 16.00
N VAL A 489 2.33 -14.53 16.95
CA VAL A 489 2.45 -13.08 16.93
C VAL A 489 3.19 -12.62 15.67
N ALA A 490 4.26 -13.32 15.31
CA ALA A 490 5.02 -12.94 14.12
C ALA A 490 4.17 -13.04 12.86
N ILE A 491 3.37 -14.11 12.75
CA ILE A 491 2.49 -14.24 11.59
C ILE A 491 1.44 -13.14 11.59
N ALA A 492 0.86 -12.83 12.75
CA ALA A 492 -0.25 -11.89 12.82
C ALA A 492 0.18 -10.42 12.76
N SER A 493 1.48 -10.13 12.90
CA SER A 493 1.92 -8.74 12.92
C SER A 493 1.66 -8.04 11.59
N HIS A 494 1.94 -8.72 10.48
CA HIS A 494 1.90 -8.07 9.17
C HIS A 494 0.46 -7.83 8.72
N ASP A 495 0.32 -7.06 7.64
CA ASP A 495 -0.99 -6.78 7.07
C ASP A 495 -1.64 -8.06 6.57
N GLY A 496 -2.96 -8.12 6.70
CA GLY A 496 -3.68 -9.34 6.36
C GLY A 496 -3.32 -10.51 7.26
N GLY A 497 -3.16 -10.25 8.56
CA GLY A 497 -2.80 -11.31 9.48
C GLY A 497 -3.85 -12.37 9.64
N LYS A 498 -5.13 -11.97 9.59
CA LYS A 498 -6.21 -12.94 9.73
C LYS A 498 -6.17 -13.97 8.61
N GLN A 499 -5.99 -13.51 7.37
CA GLN A 499 -5.91 -14.42 6.23
C GLN A 499 -4.72 -15.35 6.36
N ALA A 500 -3.58 -14.82 6.78
CA ALA A 500 -2.38 -15.65 6.94
C ALA A 500 -2.61 -16.72 8.01
N LEU A 501 -3.21 -16.34 9.14
CA LEU A 501 -3.45 -17.32 10.21
C LEU A 501 -4.42 -18.40 9.75
N GLU A 502 -5.51 -18.02 9.08
CA GLU A 502 -6.47 -19.00 8.60
C GLU A 502 -5.85 -19.93 7.57
N THR A 503 -5.08 -19.38 6.64
CA THR A 503 -4.43 -20.20 5.63
C THR A 503 -3.41 -21.15 6.25
N VAL A 504 -2.65 -20.68 7.24
CA VAL A 504 -1.70 -21.55 7.92
C VAL A 504 -2.42 -22.70 8.60
N GLN A 505 -3.48 -22.38 9.34
CA GLN A 505 -4.23 -23.42 10.04
C GLN A 505 -4.82 -24.44 9.06
N ARG A 506 -5.25 -23.97 7.89
CA ARG A 506 -5.84 -24.88 6.91
C ARG A 506 -4.79 -25.72 6.18
N LEU A 507 -3.61 -25.15 5.91
CA LEU A 507 -2.68 -25.72 4.95
C LEU A 507 -1.43 -26.35 5.56
N LEU A 508 -1.23 -26.21 6.88
CA LEU A 508 -0.02 -26.77 7.48
C LEU A 508 0.09 -28.29 7.36
N PRO A 509 -0.94 -29.08 7.69
CA PRO A 509 -0.73 -30.55 7.69
C PRO A 509 -0.40 -31.13 6.32
N VAL A 510 -1.12 -30.72 5.27
CA VAL A 510 -0.87 -31.31 3.96
C VAL A 510 0.49 -30.87 3.43
N LEU A 511 0.89 -29.63 3.72
CA LEU A 511 2.22 -29.18 3.30
C LEU A 511 3.32 -29.94 4.02
N CYS A 512 3.15 -30.18 5.32
CA CYS A 512 4.18 -30.87 6.10
C CYS A 512 4.20 -32.37 5.84
N GLN A 513 3.12 -32.95 5.34
CA GLN A 513 3.04 -34.39 5.13
C GLN A 513 3.32 -34.77 3.68
N ALA A 514 2.54 -34.23 2.74
CA ALA A 514 2.65 -34.64 1.34
C ALA A 514 3.88 -34.07 0.65
N HIS A 515 4.50 -33.03 1.21
CA HIS A 515 5.64 -32.38 0.57
C HIS A 515 6.90 -32.38 1.42
N GLY A 516 6.85 -32.85 2.66
CA GLY A 516 8.03 -32.93 3.49
C GLY A 516 8.64 -31.61 3.88
N LEU A 517 7.82 -30.64 4.29
CA LEU A 517 8.29 -29.33 4.71
C LEU A 517 8.16 -29.20 6.22
N THR A 518 9.15 -28.56 6.84
CA THR A 518 9.12 -28.35 8.28
C THR A 518 8.24 -27.16 8.63
N PRO A 519 7.68 -27.13 9.85
CA PRO A 519 6.81 -26.00 10.24
C PRO A 519 7.50 -24.64 10.20
N GLU A 520 8.81 -24.58 10.51
CA GLU A 520 9.51 -23.31 10.46
C GLU A 520 9.53 -22.72 9.06
N GLN A 521 9.62 -23.58 8.03
CA GLN A 521 9.57 -23.08 6.66
C GLN A 521 8.21 -22.46 6.35
N VAL A 522 7.13 -23.09 6.82
CA VAL A 522 5.80 -22.52 6.62
C VAL A 522 5.67 -21.19 7.33
N VAL A 523 6.19 -21.11 8.56
CA VAL A 523 6.14 -19.86 9.31
C VAL A 523 6.92 -18.77 8.58
N ALA A 524 8.08 -19.12 8.03
CA ALA A 524 8.88 -18.15 7.28
C ALA A 524 8.15 -17.68 6.03
N ILE A 525 7.46 -18.60 5.34
CA ILE A 525 6.73 -18.22 4.13
C ILE A 525 5.57 -17.30 4.47
N ALA A 526 4.85 -17.59 5.56
CA ALA A 526 3.63 -16.87 5.91
C ALA A 526 3.87 -15.60 6.72
N SER A 527 5.13 -15.22 6.96
CA SER A 527 5.45 -14.08 7.81
C SER A 527 5.76 -12.83 6.99
N ASN A 528 5.07 -12.62 5.88
CA ASN A 528 5.25 -11.43 5.06
C ASN A 528 3.90 -10.97 4.56
N ASN A 529 3.88 -9.80 3.92
CA ASN A 529 2.67 -9.28 3.33
C ASN A 529 2.16 -10.21 2.24
N GLY A 530 0.87 -10.51 2.27
CA GLY A 530 0.29 -11.44 1.31
C GLY A 530 0.86 -12.84 1.39
N GLY A 531 1.04 -13.37 2.60
CA GLY A 531 1.59 -14.70 2.76
C GLY A 531 0.65 -15.81 2.34
N LYS A 532 -0.66 -15.56 2.35
CA LYS A 532 -1.62 -16.56 1.89
C LYS A 532 -1.41 -16.89 0.42
N GLN A 533 -1.21 -15.86 -0.41
CA GLN A 533 -0.95 -16.09 -1.82
C GLN A 533 0.34 -16.86 -2.02
N ALA A 534 1.38 -16.54 -1.24
CA ALA A 534 2.64 -17.27 -1.33
C ALA A 534 2.46 -18.74 -0.97
N LEU A 535 1.70 -19.02 0.08
CA LEU A 535 1.45 -20.41 0.48
C LEU A 535 0.71 -21.17 -0.60
N GLU A 536 -0.35 -20.57 -1.16
CA GLU A 536 -1.12 -21.24 -2.20
C GLU A 536 -0.25 -21.48 -3.45
N THR A 537 0.53 -20.48 -3.85
CA THR A 537 1.38 -20.64 -5.02
C THR A 537 2.44 -21.71 -4.80
N VAL A 538 3.02 -21.76 -3.60
CA VAL A 538 4.01 -22.80 -3.31
C VAL A 538 3.37 -24.18 -3.39
N GLN A 539 2.20 -24.34 -2.77
CA GLN A 539 1.51 -25.63 -2.82
C GLN A 539 1.21 -26.04 -4.25
N ARG A 540 0.86 -25.07 -5.10
CA ARG A 540 0.52 -25.39 -6.48
C ARG A 540 1.74 -25.72 -7.32
N LEU A 541 2.85 -25.01 -7.11
CA LEU A 541 3.97 -25.03 -8.05
C LEU A 541 5.20 -25.80 -7.57
N LEU A 542 5.20 -26.33 -6.34
CA LEU A 542 6.37 -27.09 -5.91
C LEU A 542 6.62 -28.34 -6.76
N PRO A 543 5.65 -29.23 -6.98
CA PRO A 543 5.94 -30.41 -7.81
C PRO A 543 6.32 -30.08 -9.24
N VAL A 544 5.75 -29.02 -9.81
CA VAL A 544 6.08 -28.67 -11.19
C VAL A 544 7.52 -28.18 -11.30
N LEU A 545 7.92 -27.30 -10.38
CA LEU A 545 9.27 -26.75 -10.43
C LEU A 545 10.33 -27.77 -10.04
N CYS A 546 9.97 -28.71 -9.16
CA CYS A 546 10.95 -29.69 -8.70
C CYS A 546 11.16 -30.84 -9.67
N GLN A 547 10.28 -31.02 -10.65
CA GLN A 547 10.37 -32.12 -11.60
C GLN A 547 10.68 -31.67 -13.02
N ALA A 548 9.92 -30.70 -13.54
CA ALA A 548 10.19 -30.22 -14.89
C ALA A 548 11.57 -29.57 -14.99
N HIS A 549 11.93 -28.77 -13.99
CA HIS A 549 13.25 -28.17 -13.90
C HIS A 549 14.00 -28.74 -12.70
N GLY A 550 15.32 -28.57 -12.72
CA GLY A 550 16.13 -29.11 -11.64
C GLY A 550 16.24 -28.16 -10.47
N LEU A 551 15.40 -28.36 -9.46
CA LEU A 551 15.37 -27.49 -8.29
C LEU A 551 15.09 -28.35 -7.06
N THR A 552 15.44 -27.81 -5.91
CA THR A 552 15.18 -28.43 -4.62
C THR A 552 14.22 -27.58 -3.80
N PRO A 553 13.52 -28.18 -2.83
CA PRO A 553 12.56 -27.40 -2.04
C PRO A 553 13.18 -26.22 -1.32
N GLU A 554 14.47 -26.28 -0.96
CA GLU A 554 15.10 -25.16 -0.27
C GLU A 554 15.12 -23.92 -1.15
N GLN A 555 15.42 -24.08 -2.43
CA GLN A 555 15.45 -22.94 -3.34
C GLN A 555 14.06 -22.32 -3.50
N VAL A 556 13.02 -23.16 -3.62
CA VAL A 556 11.67 -22.65 -3.74
C VAL A 556 11.26 -21.91 -2.47
N VAL A 557 11.60 -22.45 -1.31
CA VAL A 557 11.29 -21.77 -0.05
C VAL A 557 12.02 -20.42 0.02
N ALA A 558 13.29 -20.40 -0.38
CA ALA A 558 14.04 -19.15 -0.36
C ALA A 558 13.43 -18.11 -1.30
N ILE A 559 12.98 -18.55 -2.47
CA ILE A 559 12.31 -17.64 -3.39
C ILE A 559 11.02 -17.10 -2.78
N ALA A 560 10.25 -17.97 -2.12
CA ALA A 560 8.94 -17.59 -1.60
C ALA A 560 9.00 -16.87 -0.25
N SER A 561 10.13 -16.92 0.45
CA SER A 561 10.23 -16.30 1.76
C SER A 561 10.52 -14.80 1.65
N ASN A 562 9.73 -14.09 0.86
CA ASN A 562 9.94 -12.67 0.63
C ASN A 562 8.63 -12.06 0.14
N GLY A 563 8.57 -10.73 0.21
CA GLY A 563 7.41 -10.01 -0.29
C GLY A 563 7.20 -10.22 -1.77
N GLY A 564 5.96 -10.54 -2.15
CA GLY A 564 5.67 -10.85 -3.55
C GLY A 564 6.32 -12.12 -4.04
N GLY A 565 6.30 -13.19 -3.23
CA GLY A 565 6.89 -14.45 -3.66
C GLY A 565 6.10 -15.14 -4.74
N LYS A 566 4.80 -14.90 -4.82
CA LYS A 566 3.98 -15.48 -5.87
C LYS A 566 4.43 -15.00 -7.24
N GLN A 567 4.63 -13.68 -7.37
CA GLN A 567 5.10 -13.12 -8.63
C GLN A 567 6.49 -13.64 -8.97
N ALA A 568 7.36 -13.75 -7.98
CA ALA A 568 8.71 -14.25 -8.23
C ALA A 568 8.67 -15.70 -8.72
N LEU A 569 7.84 -16.53 -8.11
CA LEU A 569 7.75 -17.92 -8.53
C LEU A 569 7.20 -18.05 -9.94
N GLU A 570 6.14 -17.30 -10.25
CA GLU A 570 5.58 -17.35 -11.60
C GLU A 570 6.58 -16.86 -12.63
N THR A 571 7.29 -15.77 -12.33
CA THR A 571 8.29 -15.24 -13.25
C THR A 571 9.44 -16.22 -13.45
N VAL A 572 9.87 -16.89 -12.38
CA VAL A 572 10.93 -17.89 -12.52
C VAL A 572 10.48 -19.03 -13.42
N GLN A 573 9.26 -19.50 -13.20
CA GLN A 573 8.73 -20.58 -14.05
C GLN A 573 8.66 -20.15 -15.51
N ARG A 574 8.27 -18.90 -15.75
CA ARG A 574 8.13 -18.43 -17.14
C ARG A 574 9.50 -18.23 -17.79
N LEU A 575 10.49 -17.74 -17.05
CA LEU A 575 11.70 -17.20 -17.64
C LEU A 575 12.94 -18.07 -17.43
N LEU A 576 12.84 -19.20 -16.74
CA LEU A 576 14.03 -20.05 -16.59
C LEU A 576 14.56 -20.58 -17.91
N PRO A 577 13.75 -21.23 -18.77
CA PRO A 577 14.32 -21.75 -20.04
C PRO A 577 14.85 -20.66 -20.94
N VAL A 578 14.19 -19.51 -21.00
CA VAL A 578 14.61 -18.44 -21.90
C VAL A 578 15.99 -17.92 -21.52
N LEU A 579 16.21 -17.70 -20.22
CA LEU A 579 17.51 -17.21 -19.78
C LEU A 579 18.57 -18.29 -19.82
N CYS A 580 18.20 -19.55 -19.57
CA CYS A 580 19.20 -20.61 -19.55
C CYS A 580 19.53 -21.15 -20.94
N GLN A 581 18.75 -20.83 -21.96
CA GLN A 581 18.99 -21.34 -23.30
C GLN A 581 19.41 -20.26 -24.30
N ALA A 582 19.56 -19.01 -23.85
CA ALA A 582 19.99 -17.94 -24.73
C ALA A 582 21.08 -17.05 -24.17
N HIS A 583 21.28 -17.01 -22.84
CA HIS A 583 22.24 -16.11 -22.23
C HIS A 583 23.32 -16.83 -21.43
N GLY A 584 23.29 -18.16 -21.36
CA GLY A 584 24.32 -18.90 -20.65
C GLY A 584 24.34 -18.69 -19.15
N LEU A 585 23.18 -18.71 -18.50
CA LEU A 585 23.08 -18.55 -17.05
C LEU A 585 22.62 -19.85 -16.43
N THR A 586 23.29 -20.27 -15.37
CA THR A 586 22.93 -21.49 -14.66
C THR A 586 21.75 -21.22 -13.73
N PRO A 587 20.99 -22.27 -13.37
CA PRO A 587 19.82 -22.06 -12.50
C PRO A 587 20.14 -21.45 -11.15
N GLU A 588 21.32 -21.72 -10.59
CA GLU A 588 21.67 -21.14 -9.30
C GLU A 588 21.70 -19.63 -9.37
N GLN A 589 22.25 -19.08 -10.45
CA GLN A 589 22.29 -17.63 -10.61
C GLN A 589 20.90 -17.04 -10.74
N VAL A 590 20.01 -17.71 -11.48
CA VAL A 590 18.63 -17.24 -11.62
C VAL A 590 17.94 -17.24 -10.26
N VAL A 591 18.16 -18.29 -9.46
CA VAL A 591 17.57 -18.33 -8.12
C VAL A 591 18.12 -17.20 -7.26
N ALA A 592 19.43 -16.93 -7.38
CA ALA A 592 20.03 -15.86 -6.59
C ALA A 592 19.43 -14.50 -6.96
N ILE A 593 19.16 -14.28 -8.25
CA ILE A 593 18.57 -13.02 -8.68
C ILE A 593 17.17 -12.85 -8.09
N ALA A 594 16.39 -13.92 -8.07
CA ALA A 594 14.98 -13.86 -7.73
C ALA A 594 14.70 -14.00 -6.23
N SER A 595 15.72 -14.14 -5.40
CA SER A 595 15.55 -14.39 -3.98
C SER A 595 15.62 -13.11 -3.14
N ASN A 596 15.20 -11.98 -3.71
CA ASN A 596 15.17 -10.71 -3.00
C ASN A 596 13.88 -9.99 -3.36
N GLY A 597 13.59 -8.93 -2.59
CA GLY A 597 12.41 -8.13 -2.88
C GLY A 597 12.48 -7.53 -4.27
N GLY A 598 11.36 -7.56 -4.97
CA GLY A 598 11.33 -7.11 -6.35
C GLY A 598 12.13 -7.98 -7.29
N GLY A 599 12.04 -9.31 -7.14
CA GLY A 599 12.83 -10.20 -7.96
C GLY A 599 12.34 -10.34 -9.39
N LYS A 600 11.03 -10.14 -9.60
CA LYS A 600 10.49 -10.21 -10.96
C LYS A 600 11.05 -9.08 -11.82
N GLN A 601 11.04 -7.87 -11.30
CA GLN A 601 11.58 -6.72 -12.03
C GLN A 601 13.08 -6.89 -12.27
N ALA A 602 13.80 -7.45 -11.30
CA ALA A 602 15.23 -7.70 -11.49
C ALA A 602 15.47 -8.68 -12.63
N LEU A 603 14.68 -9.75 -12.70
CA LEU A 603 14.84 -10.72 -13.78
C LEU A 603 14.53 -10.10 -15.13
N GLU A 604 13.44 -9.33 -15.22
CA GLU A 604 13.09 -8.68 -16.48
C GLU A 604 14.18 -7.69 -16.90
N THR A 605 14.69 -6.91 -15.96
CA THR A 605 15.74 -5.95 -16.28
C THR A 605 17.01 -6.65 -16.75
N VAL A 606 17.38 -7.74 -16.09
CA VAL A 606 18.57 -8.49 -16.52
C VAL A 606 18.38 -9.02 -17.93
N GLN A 607 17.21 -9.59 -18.22
CA GLN A 607 16.94 -10.09 -19.56
C GLN A 607 17.02 -8.98 -20.60
N ARG A 608 16.49 -7.80 -20.27
CA ARG A 608 16.47 -6.71 -21.24
C ARG A 608 17.85 -6.07 -21.43
N LEU A 609 18.69 -6.09 -20.40
CA LEU A 609 19.90 -5.29 -20.41
C LEU A 609 21.19 -6.10 -20.56
N LEU A 610 21.13 -7.43 -20.51
CA LEU A 610 22.35 -8.22 -20.66
C LEU A 610 23.05 -8.00 -22.01
N PRO A 611 22.37 -8.04 -23.16
CA PRO A 611 23.09 -7.85 -24.43
C PRO A 611 23.80 -6.51 -24.53
N VAL A 612 23.19 -5.44 -24.04
CA VAL A 612 23.81 -4.12 -24.13
C VAL A 612 25.06 -4.07 -23.27
N LEU A 613 24.96 -4.51 -22.02
CA LEU A 613 26.10 -4.51 -21.12
C LEU A 613 27.16 -5.53 -21.51
N CYS A 614 26.86 -6.45 -22.42
CA CYS A 614 27.84 -7.42 -22.88
C CYS A 614 28.47 -7.04 -24.21
N GLN A 615 27.81 -6.21 -25.02
CA GLN A 615 28.32 -5.86 -26.35
C GLN A 615 28.74 -4.41 -26.49
N ALA A 616 28.42 -3.54 -25.53
CA ALA A 616 28.73 -2.12 -25.69
C ALA A 616 29.32 -1.48 -24.44
N HIS A 617 29.65 -2.26 -23.41
CA HIS A 617 30.27 -1.70 -22.21
C HIS A 617 31.44 -2.51 -21.70
N GLY A 618 31.65 -3.74 -22.16
CA GLY A 618 32.74 -4.55 -21.69
C GLY A 618 32.53 -5.11 -20.29
N LEU A 619 31.40 -5.78 -20.07
CA LEU A 619 31.08 -6.39 -18.80
C LEU A 619 30.71 -7.84 -19.01
N THR A 620 31.32 -8.73 -18.24
CA THR A 620 31.04 -10.15 -18.32
C THR A 620 29.76 -10.50 -17.59
N PRO A 621 29.13 -11.64 -17.93
CA PRO A 621 27.85 -11.99 -17.28
C PRO A 621 27.92 -12.10 -15.77
N GLU A 622 29.01 -12.63 -15.21
CA GLU A 622 29.06 -12.82 -13.76
C GLU A 622 29.03 -11.49 -13.03
N GLN A 623 29.61 -10.44 -13.61
CA GLN A 623 29.62 -9.15 -12.94
C GLN A 623 28.21 -8.55 -12.88
N VAL A 624 27.47 -8.61 -13.98
CA VAL A 624 26.10 -8.10 -13.95
C VAL A 624 25.22 -8.96 -13.05
N VAL A 625 25.50 -10.27 -12.97
CA VAL A 625 24.76 -11.12 -12.05
C VAL A 625 25.05 -10.70 -10.61
N ALA A 626 26.31 -10.41 -10.30
CA ALA A 626 26.67 -9.99 -8.95
C ALA A 626 26.03 -8.65 -8.60
N ILE A 627 25.94 -7.73 -9.56
CA ILE A 627 25.22 -6.49 -9.31
C ILE A 627 23.75 -6.77 -9.03
N ALA A 628 23.13 -7.64 -9.84
CA ALA A 628 21.71 -7.90 -9.71
C ALA A 628 21.36 -8.81 -8.54
N SER A 629 22.34 -9.56 -8.00
CA SER A 629 22.03 -10.52 -6.96
C SER A 629 21.74 -9.87 -5.61
N ASN A 630 22.10 -8.60 -5.43
CA ASN A 630 21.86 -7.90 -4.19
C ASN A 630 20.60 -7.06 -4.28
N GLY A 631 20.05 -6.72 -3.11
CA GLY A 631 18.86 -5.89 -3.08
C GLY A 631 19.10 -4.55 -3.75
N GLY A 632 18.14 -4.14 -4.57
CA GLY A 632 18.31 -2.94 -5.37
C GLY A 632 19.11 -3.23 -6.63
N GLY A 633 18.68 -4.24 -7.38
CA GLY A 633 19.38 -4.63 -8.58
C GLY A 633 18.94 -3.88 -9.81
N LYS A 634 17.63 -3.60 -9.92
CA LYS A 634 17.14 -2.84 -11.05
C LYS A 634 17.69 -1.42 -11.06
N GLN A 635 17.77 -0.79 -9.88
CA GLN A 635 18.27 0.58 -9.81
C GLN A 635 19.73 0.66 -10.23
N ALA A 636 20.56 -0.29 -9.79
CA ALA A 636 21.97 -0.25 -10.12
C ALA A 636 22.21 -0.54 -11.60
N LEU A 637 21.53 -1.55 -12.14
CA LEU A 637 21.76 -1.91 -13.54
C LEU A 637 21.14 -0.88 -14.50
N GLU A 638 20.06 -0.23 -14.09
CA GLU A 638 19.32 0.64 -14.99
C GLU A 638 19.79 2.08 -14.96
N SER A 639 20.42 2.53 -13.86
CA SER A 639 20.75 3.94 -13.72
C SER A 639 22.13 4.20 -13.15
N ILE A 640 22.95 3.19 -12.92
CA ILE A 640 24.29 3.40 -12.38
C ILE A 640 25.32 2.89 -13.40
N VAL A 641 24.91 1.93 -14.20
CA VAL A 641 25.79 1.30 -15.18
C VAL A 641 25.30 1.46 -16.61
N ALA A 642 24.12 2.06 -16.81
CA ALA A 642 23.56 2.16 -18.15
C ALA A 642 23.15 3.57 -18.55
N GLN A 643 23.40 4.58 -17.71
CA GLN A 643 23.05 5.96 -18.07
C GLN A 643 24.24 6.88 -17.87
N LEU A 644 25.15 6.52 -16.95
CA LEU A 644 26.36 7.31 -16.78
C LEU A 644 27.29 7.20 -17.99
N SER A 645 27.21 6.09 -18.72
CA SER A 645 28.01 5.92 -19.92
C SER A 645 27.17 6.09 -21.19
N GLY D 1 53.58 10.53 -12.14
CA GLY D 1 53.39 11.96 -12.34
C GLY D 1 54.57 12.63 -13.00
N SER D 2 54.31 13.74 -13.69
CA SER D 2 55.36 14.49 -14.37
C SER D 2 55.20 15.99 -14.19
N TYR D 3 54.68 16.42 -13.04
CA TYR D 3 54.46 17.84 -12.77
C TYR D 3 54.88 18.15 -11.34
N ALA D 4 55.79 19.12 -11.21
CA ALA D 4 56.27 19.63 -9.93
C ALA D 4 57.20 20.80 -10.20
N LEU D 5 57.34 21.68 -9.21
CA LEU D 5 58.20 22.85 -9.28
C LEU D 5 59.45 22.61 -8.45
N GLY D 6 60.27 23.65 -8.31
CA GLY D 6 61.51 23.54 -7.58
C GLY D 6 62.63 23.08 -8.46
N PRO D 7 63.86 23.12 -7.95
CA PRO D 7 65.02 22.78 -8.78
C PRO D 7 65.13 21.29 -9.07
N TYR D 8 64.11 20.70 -9.70
CA TYR D 8 64.13 19.30 -10.09
C TYR D 8 62.97 19.04 -11.03
N GLN D 9 63.20 18.19 -12.03
CA GLN D 9 62.12 17.72 -12.89
C GLN D 9 61.41 16.58 -12.19
N ILE D 10 60.47 15.94 -12.88
CA ILE D 10 59.52 15.03 -12.25
C ILE D 10 59.65 13.68 -12.92
N SER D 11 60.49 12.82 -12.34
CA SER D 11 60.66 11.44 -12.76
C SER D 11 61.50 10.72 -11.72
N ALA D 12 61.41 9.40 -11.71
CA ALA D 12 62.16 8.59 -10.77
C ALA D 12 62.73 7.37 -11.46
N PRO D 13 63.91 6.92 -11.04
CA PRO D 13 64.44 5.65 -11.57
C PRO D 13 63.77 4.47 -10.89
N GLN D 14 63.49 3.44 -11.69
CA GLN D 14 62.73 2.28 -11.25
C GLN D 14 63.64 1.07 -11.06
N LEU D 15 63.38 0.30 -10.02
CA LEU D 15 64.14 -0.91 -9.73
C LEU D 15 63.21 -2.11 -9.76
N PRO D 16 63.26 -2.95 -10.80
CA PRO D 16 62.36 -4.12 -10.86
C PRO D 16 62.92 -5.25 -10.01
N ALA D 17 62.20 -5.58 -8.93
CA ALA D 17 62.61 -6.65 -8.03
C ALA D 17 61.63 -7.80 -8.03
N TYR D 18 60.34 -7.55 -7.79
CA TYR D 18 59.27 -8.55 -7.72
C TYR D 18 59.43 -9.41 -6.47
N ASN D 19 60.53 -9.23 -5.75
CA ASN D 19 60.81 -9.95 -4.52
C ASN D 19 61.42 -8.97 -3.53
N GLY D 20 61.37 -9.33 -2.25
CA GLY D 20 61.79 -8.41 -1.21
C GLY D 20 60.58 -7.78 -0.57
N GLN D 21 60.67 -6.50 -0.20
CA GLN D 21 59.52 -5.81 0.38
C GLN D 21 59.02 -4.66 -0.50
N THR D 22 59.84 -3.66 -0.78
CA THR D 22 59.45 -2.48 -1.55
C THR D 22 60.69 -1.61 -1.75
N VAL D 23 60.66 -0.79 -2.80
CA VAL D 23 61.64 0.26 -3.02
C VAL D 23 60.89 1.54 -3.35
N GLY D 24 61.28 2.65 -2.72
CA GLY D 24 60.57 3.90 -2.90
C GLY D 24 61.53 5.08 -2.92
N THR D 25 60.98 6.23 -3.34
CA THR D 25 61.74 7.46 -3.47
C THR D 25 60.95 8.60 -2.83
N PHE D 26 61.67 9.69 -2.54
CA PHE D 26 61.05 10.89 -1.99
C PHE D 26 61.72 12.12 -2.57
N TYR D 27 60.97 13.23 -2.59
CA TYR D 27 61.45 14.47 -3.20
C TYR D 27 60.89 15.61 -2.35
N TYR D 28 61.68 16.07 -1.38
CA TYR D 28 61.21 17.12 -0.48
C TYR D 28 62.27 18.21 -0.33
N VAL D 29 61.81 19.44 -0.18
CA VAL D 29 62.68 20.60 -0.02
C VAL D 29 62.08 21.51 1.04
N ASN D 30 62.91 21.93 2.00
CA ASN D 30 62.48 22.86 3.04
C ASN D 30 62.93 24.28 2.75
N ASP D 31 64.24 24.49 2.60
CA ASP D 31 64.79 25.77 2.20
C ASP D 31 65.82 25.67 1.10
N ALA D 32 66.54 24.56 0.99
CA ALA D 32 67.46 24.29 -0.10
C ALA D 32 66.78 23.42 -1.15
N GLY D 33 67.52 23.15 -2.22
CA GLY D 33 67.02 22.27 -3.26
C GLY D 33 67.47 20.83 -3.06
N GLY D 34 67.86 20.51 -1.83
CA GLY D 34 68.38 19.19 -1.52
C GLY D 34 67.26 18.19 -1.29
N LEU D 35 67.44 16.99 -1.85
CA LEU D 35 66.42 15.95 -1.88
C LEU D 35 67.05 14.66 -2.37
N GLU D 36 66.49 13.54 -1.91
CA GLU D 36 66.93 12.22 -2.35
C GLU D 36 65.89 11.21 -1.88
N SER D 37 66.00 9.98 -2.42
CA SER D 37 65.08 8.91 -2.05
C SER D 37 65.17 8.57 -0.56
N LYS D 38 66.30 8.88 0.08
CA LYS D 38 66.52 8.62 1.50
C LYS D 38 66.44 7.11 1.81
N VAL D 39 66.91 6.30 0.85
CA VAL D 39 67.09 4.85 0.99
C VAL D 39 65.91 4.16 1.69
N PHE D 40 64.70 4.65 1.44
CA PHE D 40 63.51 4.04 2.04
C PHE D 40 63.15 2.77 1.28
N ILE D 41 63.10 1.65 1.99
CA ILE D 41 62.84 0.35 1.36
C ILE D 41 61.67 -0.34 2.05
N SER D 42 61.75 -0.54 3.35
CA SER D 42 60.70 -1.22 4.09
C SER D 42 60.67 -0.69 5.52
N GLY D 43 59.99 -1.42 6.40
CA GLY D 43 59.80 -0.96 7.76
C GLY D 43 60.86 -1.50 8.72
N GLY D 44 61.34 -0.62 9.58
CA GLY D 44 62.25 -0.99 10.63
C GLY D 44 61.73 -0.56 11.99
N PRO D 45 62.59 0.05 12.81
CA PRO D 45 62.15 0.54 14.11
C PRO D 45 61.52 1.93 13.99
N THR D 46 60.25 2.03 14.34
CA THR D 46 59.52 3.29 14.34
C THR D 46 58.75 3.43 15.63
N PRO D 47 58.59 4.66 16.14
CA PRO D 47 57.87 4.83 17.40
C PRO D 47 56.36 4.78 17.22
N TYR D 48 55.88 3.83 16.43
CA TYR D 48 54.46 3.58 16.20
C TYR D 48 54.27 2.17 15.66
N PRO D 49 54.57 1.12 16.43
CA PRO D 49 54.41 -0.24 15.91
C PRO D 49 52.96 -0.69 15.86
N ASN D 50 52.04 0.09 16.42
CA ASN D 50 50.63 -0.32 16.47
C ASN D 50 49.87 0.06 15.22
N TYR D 51 50.32 1.07 14.48
CA TYR D 51 49.65 1.50 13.26
C TYR D 51 50.27 0.78 12.07
N VAL D 52 49.44 0.05 11.32
CA VAL D 52 49.96 -0.76 10.22
C VAL D 52 50.55 0.11 9.12
N SER D 53 50.07 1.34 8.98
CA SER D 53 50.63 2.23 7.98
C SER D 53 52.02 2.72 8.36
N ALA D 54 52.41 2.59 9.62
CA ALA D 54 53.72 3.07 10.04
C ALA D 54 54.85 2.16 9.57
N GLY D 55 54.54 1.00 9.03
CA GLY D 55 55.56 0.12 8.51
C GLY D 55 55.44 -0.05 7.01
N HIS D 56 54.45 0.62 6.46
CA HIS D 56 54.30 0.56 4.99
C HIS D 56 55.27 1.60 4.44
N VAL D 57 55.54 1.59 3.14
CA VAL D 57 56.60 2.43 2.60
C VAL D 57 56.15 3.89 2.51
N ALA D 58 54.90 4.12 2.12
CA ALA D 58 54.41 5.49 1.99
C ALA D 58 54.31 6.17 3.36
N GLY D 59 53.80 5.45 4.36
CA GLY D 59 53.55 6.03 5.66
C GLY D 59 54.81 6.43 6.41
N GLN D 60 55.98 5.97 5.97
CA GLN D 60 57.22 6.32 6.66
C GLN D 60 57.56 7.80 6.55
N SER D 61 56.87 8.54 5.67
CA SER D 61 57.13 9.96 5.53
C SER D 61 56.88 10.69 6.83
N ALA D 62 55.78 10.35 7.53
CA ALA D 62 55.42 10.97 8.80
C ALA D 62 56.64 11.26 9.66
N LEU D 63 57.46 10.25 9.89
CA LEU D 63 58.77 10.49 10.49
C LEU D 63 59.65 11.23 9.51
N PHE D 64 60.20 12.36 9.97
CA PHE D 64 61.00 13.36 9.28
C PHE D 64 60.15 14.35 8.46
N MET D 65 58.86 14.10 8.20
CA MET D 65 58.07 15.20 7.66
C MET D 65 57.33 15.98 8.74
N ARG D 66 56.75 15.29 9.73
CA ARG D 66 56.26 16.01 10.90
C ARG D 66 57.40 16.73 11.61
N ASP D 67 58.60 16.14 11.60
CA ASP D 67 59.75 16.80 12.20
C ASP D 67 60.28 17.93 11.33
N ASN D 68 60.34 17.72 10.01
CA ASN D 68 60.91 18.72 9.11
C ASN D 68 59.91 19.25 8.09
N GLY D 69 59.24 18.37 7.36
CA GLY D 69 58.50 18.81 6.19
C GLY D 69 57.08 19.26 6.43
N ILE D 70 56.90 20.59 6.56
CA ILE D 70 55.57 21.17 6.45
C ILE D 70 55.17 21.35 5.00
N SER D 71 56.08 21.07 4.07
CA SER D 71 55.86 21.23 2.64
C SER D 71 55.05 20.05 2.11
N GLU D 72 55.00 19.94 0.78
CA GLU D 72 54.29 18.84 0.14
C GLU D 72 55.20 17.62 0.11
N GLY D 73 54.80 16.59 -0.64
CA GLY D 73 55.60 15.39 -0.75
C GLY D 73 55.49 14.78 -2.12
N LEU D 74 56.56 14.08 -2.52
CA LEU D 74 56.61 13.37 -3.79
C LEU D 74 57.15 11.98 -3.52
N VAL D 75 56.49 10.96 -4.08
CA VAL D 75 56.91 9.58 -3.90
C VAL D 75 56.73 8.82 -5.22
N PHE D 76 57.53 7.79 -5.39
CA PHE D 76 57.31 6.78 -6.42
C PHE D 76 57.59 5.41 -5.83
N HIS D 77 56.99 4.39 -6.41
CA HIS D 77 56.98 3.07 -5.81
C HIS D 77 57.56 2.06 -6.77
N ASN D 78 58.17 1.01 -6.23
CA ASN D 78 58.68 -0.09 -7.04
C ASN D 78 57.88 -1.38 -6.88
N ASN D 79 56.74 -1.32 -6.20
CA ASN D 79 55.87 -2.48 -6.09
C ASN D 79 54.71 -2.30 -7.06
N PRO D 80 54.69 -3.00 -8.18
CA PRO D 80 53.64 -2.79 -9.20
C PRO D 80 52.37 -3.59 -8.91
N LYS D 81 51.77 -3.34 -7.75
CA LYS D 81 50.51 -3.98 -7.41
C LYS D 81 49.48 -2.93 -6.99
N GLY D 82 49.94 -1.86 -6.33
CA GLY D 82 49.05 -0.80 -5.92
C GLY D 82 49.15 -0.46 -4.44
N THR D 83 48.62 0.73 -4.12
CA THR D 83 48.65 1.23 -2.74
C THR D 83 47.73 0.44 -1.87
N CYS D 84 48.28 -0.10 -0.78
CA CYS D 84 47.51 -0.92 0.18
C CYS D 84 46.25 -0.16 0.59
N GLY D 85 45.20 -0.89 0.87
CA GLY D 85 43.98 -0.25 1.31
C GLY D 85 44.08 0.19 2.74
N PHE D 86 45.14 -0.13 3.43
CA PHE D 86 45.15 0.23 4.86
C PHE D 86 45.60 1.65 4.93
N CYS D 87 46.33 2.05 3.91
CA CYS D 87 46.87 3.41 3.85
C CYS D 87 45.99 4.38 3.08
N VAL D 88 44.89 3.92 2.48
CA VAL D 88 43.94 4.85 1.90
C VAL D 88 43.29 5.68 3.00
N ASN D 89 42.86 5.02 4.06
CA ASN D 89 42.55 5.69 5.32
C ASN D 89 43.79 5.63 6.19
N MET D 90 43.68 6.09 7.44
CA MET D 90 44.70 5.86 8.46
C MET D 90 45.96 6.67 8.19
N ILE D 91 46.05 7.29 7.02
CA ILE D 91 47.27 7.99 6.63
C ILE D 91 47.09 9.47 6.92
N GLU D 92 45.84 9.94 6.89
CA GLU D 92 45.58 11.37 6.98
C GLU D 92 45.96 11.92 8.35
N THR D 93 45.82 11.11 9.41
CA THR D 93 46.15 11.60 10.75
C THR D 93 47.63 11.91 10.88
N LEU D 94 48.48 11.04 10.35
CA LEU D 94 49.92 11.07 10.62
C LEU D 94 50.67 12.00 9.67
N LEU D 95 50.21 13.24 9.55
CA LEU D 95 51.00 14.30 8.92
C LEU D 95 50.77 15.61 9.67
N PRO D 96 51.47 16.69 9.30
CA PRO D 96 51.09 18.01 9.83
C PRO D 96 49.79 18.51 9.21
N GLU D 97 49.45 19.76 9.49
CA GLU D 97 48.16 20.30 9.09
C GLU D 97 47.95 20.22 7.58
N ASN D 98 49.02 20.34 6.79
CA ASN D 98 48.90 20.25 5.34
C ASN D 98 50.12 19.56 4.75
N ALA D 99 49.88 18.68 3.78
CA ALA D 99 50.93 17.98 3.05
C ALA D 99 50.29 17.37 1.81
N LYS D 100 51.13 16.79 0.95
CA LYS D 100 50.66 16.23 -0.31
C LYS D 100 51.28 14.86 -0.55
N MET D 101 50.58 14.04 -1.32
CA MET D 101 50.98 12.69 -1.64
C MET D 101 50.97 12.59 -3.17
N THR D 102 51.55 11.54 -3.73
CA THR D 102 51.79 11.52 -5.18
C THR D 102 51.43 10.15 -5.74
N VAL D 103 51.91 9.87 -6.96
CA VAL D 103 51.37 8.83 -7.82
C VAL D 103 52.26 7.57 -7.72
N VAL D 104 51.71 6.46 -8.20
CA VAL D 104 52.41 5.18 -8.28
C VAL D 104 52.57 4.82 -9.76
N PRO D 105 53.52 3.96 -10.12
CA PRO D 105 53.75 3.64 -11.55
C PRO D 105 52.52 2.99 -12.17
N PRO D 106 52.36 3.14 -13.49
CA PRO D 106 51.16 2.59 -14.15
C PRO D 106 51.05 1.08 -14.07
N GLU D 107 52.15 0.37 -13.84
CA GLU D 107 52.11 -1.09 -13.82
C GLU D 107 51.19 -1.60 -12.72
N GLY D 108 51.19 -0.95 -11.56
CA GLY D 108 50.33 -1.35 -10.46
C GLY D 108 48.88 -0.95 -10.66
N ALA D 109 48.28 -1.41 -11.77
CA ALA D 109 46.90 -1.11 -12.09
C ALA D 109 46.07 -2.39 -12.19
N ILE D 110 46.46 -3.42 -11.47
CA ILE D 110 45.75 -4.70 -11.49
C ILE D 110 45.43 -5.14 -10.06
N PRO D 111 44.60 -4.40 -9.33
CA PRO D 111 44.33 -4.75 -7.94
C PRO D 111 43.38 -5.93 -7.82
N VAL D 112 43.67 -6.83 -6.88
CA VAL D 112 42.82 -7.97 -6.60
C VAL D 112 42.13 -7.86 -5.25
N LYS D 113 42.74 -7.18 -4.28
CA LYS D 113 42.18 -7.06 -2.94
C LYS D 113 41.34 -5.79 -2.85
N ARG D 114 40.69 -5.61 -1.69
CA ARG D 114 39.86 -4.44 -1.47
C ARG D 114 40.69 -3.17 -1.46
N GLY D 115 40.09 -2.08 -1.91
CA GLY D 115 40.83 -0.84 -2.02
C GLY D 115 41.76 -0.88 -3.22
N ALA D 116 42.98 -0.38 -3.01
CA ALA D 116 44.05 -0.43 -4.00
C ALA D 116 43.65 0.30 -5.29
N THR D 117 43.47 1.61 -5.14
CA THR D 117 43.19 2.47 -6.28
C THR D 117 44.49 3.04 -6.83
N GLY D 118 44.56 3.16 -8.17
CA GLY D 118 45.73 3.69 -8.81
C GLY D 118 45.75 5.20 -8.83
N GLU D 119 46.91 5.74 -9.18
CA GLU D 119 47.15 7.19 -9.23
C GLU D 119 46.63 7.87 -7.96
N THR D 120 47.26 7.50 -6.85
CA THR D 120 46.76 7.87 -5.53
C THR D 120 46.56 9.37 -5.38
N LYS D 121 45.59 9.74 -4.56
CA LYS D 121 45.20 11.13 -4.37
C LYS D 121 46.30 11.91 -3.66
N VAL D 122 46.10 13.23 -3.59
CA VAL D 122 47.08 14.11 -2.98
C VAL D 122 47.16 13.96 -1.47
N PHE D 123 46.11 13.43 -0.83
CA PHE D 123 46.11 13.12 0.60
C PHE D 123 46.41 14.36 1.44
N ILE D 124 45.51 15.33 1.38
CA ILE D 124 45.77 16.67 1.90
C ILE D 124 45.03 16.89 3.21
N GLY D 125 45.76 17.40 4.20
CA GLY D 125 45.19 18.18 5.29
C GLY D 125 44.20 17.55 6.26
N ASN D 126 44.61 16.58 7.06
CA ASN D 126 43.80 16.23 8.21
C ASN D 126 44.48 16.81 9.46
N SER D 127 43.69 16.99 10.52
CA SER D 127 44.12 17.84 11.62
C SER D 127 44.43 17.11 12.93
N ASN D 128 44.15 15.82 13.04
CA ASN D 128 44.38 15.16 14.32
C ASN D 128 45.83 14.67 14.40
N SER D 129 46.27 14.26 15.65
CA SER D 129 47.62 13.85 16.01
C SER D 129 47.74 12.33 16.04
N PRO D 130 48.90 11.80 15.64
CA PRO D 130 49.12 10.36 15.80
C PRO D 130 49.06 9.98 17.27
N LYS D 131 48.53 8.81 17.55
CA LYS D 131 48.28 8.40 18.93
C LYS D 131 49.50 7.67 19.51
N SER D 132 49.75 7.91 20.79
CA SER D 132 50.87 7.26 21.44
C SER D 132 50.57 5.78 21.65
N PRO D 133 51.57 4.91 21.47
CA PRO D 133 51.36 3.49 21.73
C PRO D 133 51.12 3.22 23.20
N THR D 134 50.42 2.12 23.47
CA THR D 134 50.11 1.67 24.82
C THR D 134 49.40 2.77 25.61
ZN ZN E . 49.90 0.51 3.56
#